data_2R03
#
_entry.id   2R03
#
_cell.length_a   146.383
_cell.length_b   98.570
_cell.length_c   72.799
_cell.angle_alpha   90.000
_cell.angle_beta   107.070
_cell.angle_gamma   90.000
#
_symmetry.space_group_name_H-M   'C 1 2 1'
#
loop_
_entity.id
_entity.type
_entity.pdbx_description
1 polymer 'Programmed cell death 6-interacting protein'
2 polymer p6-Gag
3 water water
#
loop_
_entity_poly.entity_id
_entity_poly.type
_entity_poly.pdbx_seq_one_letter_code
_entity_poly.pdbx_strand_id
1 'polypeptide(L)'
;ATFISVQLKKTSEVDLAKPLVKFIQQTYPSGGEEQAQYCRAAEELSKLRRAAVGRPLDKHEGALETLLRYYDQICSIEPK
FPFSENQICLTFTWKDAFDKGSLFGGSVKLALASLGYEKSCVLFNCAALASQIAAEQNLDNDEGLKIAAKHYQFASGAFL
HIKETVLSALSREPTVDISPDTVGTLSLIMLAQAQEVFFLKATRDKMKDAIIAKLANQAADYFGDAFKQCQYKDTLPKEV
FPVLAAKHCIMQANAEYHQSILAKQQYYFGEEIARLQHAAELIKTVASRYDEYVNVKDFSDKINRALAAAKKDNDFIYHD
RVPDLKDLDPIGKATLVKSTPVNVPISQKFTDLFEKMVPVSVQQSLAAYNQRKADLVNRSIAQMREATTLANGVLASLNL
PAAIEDVSGDTVPQSILTKSRSVIEQGGIQTVDQLIKELPELLQRNREILDESLRLLDEEEATDNDLRAKFKERWQRTPS
NELYKPLRAEGTNFRTVLDKAVQADGQVKECYQSHRDTIVLLCKPEPELNAAIPSANPAKTMQGSEVVNVLKSLLSNLDE
VKKEREGLENDLKSVNFDMTSKFLTALAQDGVINEEALSVTELDRVYGGLTTKVQESLKKQEGLLKNIQVSHQEFSKMKQ
SNNEANLREEVLKNLATAYDNFVELVANLKEGTKFYNELTEILVRFQNKCSDIVFAR
;
A
2 'polypeptide(L)' NLYPDLSE B
#
# COMPACT_ATOMS: atom_id res chain seq x y z
N ALA A 1 11.19 50.20 2.95
CA ALA A 1 11.59 49.33 1.80
C ALA A 1 10.59 48.19 1.56
N THR A 2 10.08 48.07 0.31
CA THR A 2 9.00 47.15 -0.06
C THR A 2 9.49 45.91 -0.84
N PHE A 3 9.09 44.74 -0.37
CA PHE A 3 9.41 43.47 -1.01
C PHE A 3 8.12 42.76 -1.19
N ILE A 4 8.01 41.96 -2.21
CA ILE A 4 6.80 41.20 -2.42
C ILE A 4 6.75 40.00 -1.47
N SER A 5 5.60 39.76 -0.85
CA SER A 5 5.33 38.48 -0.21
C SER A 5 3.97 37.93 -0.69
N VAL A 6 3.69 36.68 -0.33
CA VAL A 6 2.46 36.01 -0.71
C VAL A 6 1.65 35.67 0.54
N GLN A 7 0.35 35.88 0.48
CA GLN A 7 -0.53 35.48 1.60
C GLN A 7 -0.94 34.00 1.57
N LEU A 8 -1.08 33.41 2.74
CA LEU A 8 -1.57 32.03 2.86
C LEU A 8 -2.93 31.74 2.17
N LYS A 9 -3.10 30.49 1.77
CA LYS A 9 -4.38 29.96 1.33
C LYS A 9 -5.19 29.53 2.54
N LYS A 10 -6.51 29.64 2.44
CA LYS A 10 -7.41 29.21 3.51
C LYS A 10 -8.04 27.84 3.22
N THR A 11 -8.22 27.05 4.29
CA THR A 11 -8.86 25.72 4.25
C THR A 11 -9.97 25.58 5.28
N SER A 12 -11.05 24.89 4.91
CA SER A 12 -12.03 24.44 5.90
C SER A 12 -11.46 23.23 6.66
N GLU A 13 -11.77 23.13 7.94
CA GLU A 13 -11.21 22.06 8.77
C GLU A 13 -11.90 20.74 8.48
N VAL A 14 -11.11 19.67 8.42
CA VAL A 14 -11.64 18.36 8.08
C VAL A 14 -11.24 17.25 9.06
N ASP A 15 -12.01 16.18 9.02
CA ASP A 15 -11.81 15.03 9.89
C ASP A 15 -10.72 14.12 9.32
N LEU A 16 -9.47 14.39 9.68
CA LEU A 16 -8.35 13.51 9.32
C LEU A 16 -8.40 12.23 10.12
N ALA A 17 -8.78 12.36 11.38
CA ALA A 17 -8.61 11.32 12.39
C ALA A 17 -9.40 10.04 12.15
N LYS A 18 -10.60 10.16 11.59
CA LYS A 18 -11.53 9.03 11.54
C LYS A 18 -11.47 8.12 10.30
N PRO A 19 -11.42 8.69 9.07
CA PRO A 19 -11.22 7.84 7.88
C PRO A 19 -9.94 7.00 7.93
N LEU A 20 -8.89 7.56 8.53
CA LEU A 20 -7.61 6.84 8.68
C LEU A 20 -7.73 5.67 9.65
N VAL A 21 -8.35 5.94 10.81
CA VAL A 21 -8.58 4.94 11.85
C VAL A 21 -9.41 3.74 11.37
N LYS A 22 -10.32 3.98 10.41
CA LYS A 22 -11.10 2.91 9.77
C LYS A 22 -10.21 1.85 9.14
N PHE A 23 -9.31 2.26 8.23
CA PHE A 23 -8.37 1.36 7.57
C PHE A 23 -7.49 0.64 8.59
N ILE A 24 -6.89 1.41 9.49
CA ILE A 24 -6.00 0.89 10.55
C ILE A 24 -6.59 -0.32 11.28
N GLN A 25 -7.82 -0.18 11.77
CA GLN A 25 -8.52 -1.23 12.51
C GLN A 25 -8.88 -2.43 11.64
N GLN A 26 -9.18 -2.18 10.37
CA GLN A 26 -9.59 -3.22 9.43
C GLN A 26 -8.40 -3.94 8.77
N THR A 27 -7.20 -3.73 9.33
CA THR A 27 -5.96 -4.25 8.76
C THR A 27 -5.07 -4.97 9.79
N TYR A 28 -5.17 -4.55 11.06
CA TYR A 28 -4.41 -5.17 12.16
C TYR A 28 -5.32 -5.76 13.25
N PRO A 29 -4.76 -6.56 14.19
CA PRO A 29 -5.61 -7.26 15.16
C PRO A 29 -6.20 -6.36 16.26
N SER A 30 -7.52 -6.25 16.30
CA SER A 30 -8.21 -5.36 17.25
C SER A 30 -7.95 -5.74 18.70
N GLY A 31 -7.26 -4.85 19.41
CA GLY A 31 -6.89 -5.08 20.81
C GLY A 31 -5.39 -5.05 21.02
N GLY A 32 -4.63 -5.14 19.92
CA GLY A 32 -3.17 -5.13 19.97
C GLY A 32 -2.56 -3.75 19.84
N GLU A 33 -1.23 -3.67 19.96
CA GLU A 33 -0.50 -2.41 19.87
C GLU A 33 -0.28 -1.93 18.43
N GLU A 34 -0.30 -2.89 17.49
CA GLU A 34 -0.26 -2.58 16.05
C GLU A 34 -1.61 -1.98 15.61
N GLN A 35 -2.53 -1.90 16.57
CA GLN A 35 -3.77 -1.14 16.44
C GLN A 35 -3.73 0.06 17.38
N ALA A 36 -2.91 -0.02 18.43
CA ALA A 36 -2.81 1.03 19.45
C ALA A 36 -2.02 2.27 19.00
N GLN A 37 -0.74 2.07 18.68
CA GLN A 37 0.14 3.20 18.32
C GLN A 37 -0.29 3.93 17.03
N TYR A 38 -1.01 3.22 16.16
CA TYR A 38 -1.49 3.82 14.91
C TYR A 38 -2.85 4.51 15.06
N CYS A 39 -3.30 4.66 16.29
CA CYS A 39 -4.47 5.51 16.59
C CYS A 39 -4.05 6.71 17.42
N ARG A 40 -3.02 6.50 18.25
CA ARG A 40 -2.38 7.56 19.04
C ARG A 40 -1.67 8.56 18.14
N ALA A 41 -1.17 8.07 17.00
CA ALA A 41 -0.50 8.91 16.02
C ALA A 41 -1.50 9.57 15.06
N ALA A 42 -2.55 8.83 14.70
CA ALA A 42 -3.58 9.34 13.79
C ALA A 42 -4.32 10.56 14.33
N GLU A 43 -4.39 10.66 15.66
CA GLU A 43 -5.05 11.78 16.35
C GLU A 43 -4.10 12.97 16.45
N GLU A 44 -2.83 12.67 16.70
CA GLU A 44 -1.78 13.68 16.78
C GLU A 44 -1.58 14.36 15.42
N LEU A 45 -1.84 13.61 14.35
CA LEU A 45 -1.82 14.13 12.98
C LEU A 45 -2.96 15.13 12.77
N SER A 46 -4.17 14.72 13.15
CA SER A 46 -5.38 15.53 12.98
C SER A 46 -5.26 16.86 13.70
N LYS A 47 -4.74 16.81 14.94
CA LYS A 47 -4.42 18.02 15.70
C LYS A 47 -3.41 18.89 14.94
N LEU A 48 -2.32 18.26 14.50
CA LEU A 48 -1.20 18.96 13.88
C LEU A 48 -1.59 19.71 12.60
N ARG A 49 -2.49 19.12 11.81
CA ARG A 49 -3.06 19.83 10.66
C ARG A 49 -3.76 21.10 11.09
N ARG A 50 -4.60 21.00 12.11
CA ARG A 50 -5.33 22.14 12.64
C ARG A 50 -4.39 23.25 13.10
N ALA A 51 -3.31 22.88 13.79
CA ALA A 51 -2.35 23.85 14.28
C ALA A 51 -1.54 24.55 13.17
N ALA A 52 -1.40 23.87 12.03
CA ALA A 52 -0.54 24.35 10.95
C ALA A 52 -1.31 25.20 9.96
N VAL A 53 -2.60 24.94 9.87
CA VAL A 53 -3.44 25.38 8.77
C VAL A 53 -4.69 26.08 9.29
N GLY A 54 -5.15 25.66 10.47
CA GLY A 54 -6.44 26.07 11.01
C GLY A 54 -6.65 27.55 11.25
N ARG A 55 -5.57 28.32 11.20
CA ARG A 55 -5.66 29.77 11.34
C ARG A 55 -4.53 30.53 10.64
N PRO A 56 -4.90 31.51 9.80
CA PRO A 56 -3.88 32.44 9.30
C PRO A 56 -3.63 33.51 10.37
N LEU A 57 -2.61 33.30 11.20
CA LEU A 57 -2.30 34.19 12.31
C LEU A 57 -0.80 34.44 12.49
N ASP A 58 -0.12 33.60 13.28
CA ASP A 58 1.29 33.77 13.66
C ASP A 58 2.18 34.04 12.45
N LYS A 59 3.28 34.77 12.68
CA LYS A 59 4.15 35.23 11.58
C LYS A 59 5.65 34.97 11.81
N HIS A 60 5.99 33.95 12.58
CA HIS A 60 7.40 33.56 12.72
C HIS A 60 7.70 32.04 12.65
N GLU A 61 8.97 31.69 12.87
CA GLU A 61 9.48 30.37 12.51
C GLU A 61 8.96 29.23 13.37
N GLY A 62 8.40 29.55 14.53
CA GLY A 62 7.59 28.60 15.29
C GLY A 62 6.47 28.03 14.44
N ALA A 63 5.63 28.92 13.90
CA ALA A 63 4.52 28.54 13.00
C ALA A 63 4.98 28.04 11.61
N LEU A 64 6.18 28.44 11.16
CA LEU A 64 6.67 27.91 9.89
C LEU A 64 7.08 26.46 10.08
N GLU A 65 7.81 26.19 11.16
CA GLU A 65 8.26 24.83 11.47
C GLU A 65 7.08 23.87 11.67
N THR A 66 6.00 24.37 12.26
CA THR A 66 4.80 23.56 12.43
C THR A 66 4.20 23.21 11.07
N LEU A 67 4.17 24.20 10.15
CA LEU A 67 3.80 23.95 8.76
C LEU A 67 4.73 22.97 8.07
N LEU A 68 6.05 23.22 8.17
CA LEU A 68 7.05 22.32 7.60
C LEU A 68 6.87 20.93 8.21
N ARG A 69 6.86 20.85 9.55
CA ARG A 69 6.54 19.61 10.26
C ARG A 69 5.31 18.94 9.65
N TYR A 70 4.30 19.73 9.31
CA TYR A 70 3.09 19.15 8.75
C TYR A 70 3.29 18.63 7.33
N TYR A 71 4.05 19.37 6.51
CA TYR A 71 4.35 18.94 5.14
C TYR A 71 5.03 17.58 5.14
N ASP A 72 6.06 17.44 5.97
CA ASP A 72 6.85 16.23 5.99
C ASP A 72 6.01 15.05 6.45
N GLN A 73 5.10 15.29 7.40
CA GLN A 73 4.29 14.20 7.94
C GLN A 73 3.28 13.73 6.91
N ILE A 74 2.75 14.65 6.12
CA ILE A 74 1.83 14.26 5.06
C ILE A 74 2.56 13.39 4.03
N CYS A 75 3.69 13.89 3.53
CA CYS A 75 4.46 13.17 2.52
C CYS A 75 4.86 11.75 2.93
N SER A 76 5.16 11.59 4.22
CA SER A 76 5.57 10.33 4.81
C SER A 76 4.44 9.31 4.88
N ILE A 77 3.21 9.83 4.98
CA ILE A 77 2.01 9.02 5.16
C ILE A 77 1.50 8.42 3.84
N GLU A 78 1.78 9.06 2.72
CA GLU A 78 1.22 8.63 1.45
C GLU A 78 1.46 7.14 1.09
N PRO A 79 2.71 6.63 1.24
CA PRO A 79 2.92 5.24 0.82
C PRO A 79 2.26 4.21 1.76
N LYS A 80 1.80 4.66 2.93
CA LYS A 80 0.96 3.83 3.78
C LYS A 80 -0.49 3.88 3.25
N PHE A 81 -1.46 4.19 4.10
CA PHE A 81 -2.90 4.26 3.76
C PHE A 81 -3.21 4.43 2.27
N PRO A 82 -4.08 3.56 1.71
CA PRO A 82 -4.33 3.60 0.26
C PRO A 82 -5.05 4.88 -0.20
N PHE A 83 -4.28 5.92 -0.51
CA PHE A 83 -4.83 7.15 -1.07
C PHE A 83 -4.96 7.02 -2.58
N SER A 84 -3.84 6.70 -3.23
CA SER A 84 -3.79 6.47 -4.68
C SER A 84 -4.98 5.61 -5.14
N GLU A 85 -5.19 4.47 -4.49
CA GLU A 85 -6.41 3.68 -4.67
C GLU A 85 -7.56 4.45 -4.02
N ASN A 86 -8.66 4.62 -4.75
CA ASN A 86 -9.73 5.49 -4.27
C ASN A 86 -10.89 4.78 -3.57
N GLN A 87 -10.94 4.91 -2.25
CA GLN A 87 -12.12 4.61 -1.43
C GLN A 87 -12.09 5.31 -0.06
N ILE A 88 -11.11 6.20 0.13
CA ILE A 88 -11.05 7.04 1.32
C ILE A 88 -11.67 8.42 1.04
N CYS A 89 -12.72 8.75 1.78
CA CYS A 89 -13.55 9.93 1.51
C CYS A 89 -13.04 11.20 2.17
N LEU A 90 -11.74 11.26 2.38
CA LEU A 90 -11.11 12.47 2.87
C LEU A 90 -11.03 13.48 1.73
N THR A 91 -11.84 14.52 1.82
CA THR A 91 -11.87 15.59 0.84
C THR A 91 -11.28 16.87 1.42
N PHE A 92 -10.28 17.40 0.73
CA PHE A 92 -9.58 18.60 1.16
C PHE A 92 -10.09 19.82 0.41
N THR A 93 -10.45 20.87 1.15
CA THR A 93 -11.02 22.07 0.57
C THR A 93 -10.14 23.30 0.80
N TRP A 94 -9.67 23.89 -0.29
CA TRP A 94 -8.80 25.05 -0.24
C TRP A 94 -9.36 26.18 -1.06
N LYS A 95 -9.06 27.40 -0.61
CA LYS A 95 -9.51 28.60 -1.29
C LYS A 95 -8.34 29.25 -2.01
N ASP A 96 -8.60 29.82 -3.18
CA ASP A 96 -7.56 30.53 -3.93
C ASP A 96 -6.86 31.50 -3.00
N ALA A 97 -5.58 31.73 -3.26
CA ALA A 97 -4.77 32.62 -2.45
C ALA A 97 -5.08 34.05 -2.80
N PHE A 98 -5.26 34.32 -4.10
CA PHE A 98 -5.29 35.67 -4.64
C PHE A 98 -6.69 36.16 -4.95
N ASP A 99 -7.70 35.36 -4.62
CA ASP A 99 -9.09 35.60 -5.04
C ASP A 99 -9.17 35.63 -6.56
N LYS A 100 -8.37 34.78 -7.19
CA LYS A 100 -8.27 34.73 -8.65
C LYS A 100 -8.92 33.48 -9.26
N GLY A 101 -9.59 33.69 -10.38
CA GLY A 101 -10.10 32.60 -11.19
C GLY A 101 -9.96 32.98 -12.66
N SER A 102 -9.91 31.97 -13.53
CA SER A 102 -10.07 32.21 -14.95
C SER A 102 -11.57 32.43 -15.30
N LEU A 103 -12.30 32.95 -14.30
CA LEU A 103 -13.72 33.30 -14.40
C LEU A 103 -14.00 34.55 -13.55
N PHE A 104 -14.98 35.36 -13.97
CA PHE A 104 -15.23 36.64 -13.30
C PHE A 104 -16.06 36.54 -12.00
N GLY A 105 -15.41 36.01 -10.96
CA GLY A 105 -15.99 35.96 -9.62
C GLY A 105 -15.19 36.82 -8.66
N GLY A 106 -15.46 36.64 -7.36
CA GLY A 106 -14.69 37.31 -6.31
C GLY A 106 -13.71 36.37 -5.63
N SER A 107 -14.01 35.07 -5.74
CA SER A 107 -13.19 33.97 -5.21
C SER A 107 -13.54 32.69 -5.98
N VAL A 108 -12.77 31.62 -5.76
CA VAL A 108 -13.16 30.29 -6.22
C VAL A 108 -12.49 29.24 -5.33
N LYS A 109 -13.13 28.07 -5.23
CA LYS A 109 -12.63 27.00 -4.38
C LYS A 109 -12.49 25.70 -5.16
N LEU A 110 -11.65 24.83 -4.63
CA LEU A 110 -11.53 23.47 -5.15
C LEU A 110 -11.46 22.53 -3.98
N ALA A 111 -12.34 21.54 -4.01
CA ALA A 111 -12.38 20.53 -2.98
C ALA A 111 -12.08 19.22 -3.67
N LEU A 112 -10.92 18.65 -3.35
CA LEU A 112 -10.54 17.40 -3.94
C LEU A 112 -10.18 16.32 -2.93
N ALA A 113 -10.54 15.08 -3.28
CA ALA A 113 -10.11 13.89 -2.57
C ALA A 113 -8.74 13.41 -3.08
N SER A 114 -7.70 14.21 -2.87
CA SER A 114 -6.36 13.89 -3.36
C SER A 114 -5.26 14.46 -2.46
N LEU A 115 -4.54 13.56 -1.81
CA LEU A 115 -3.44 13.93 -0.92
C LEU A 115 -2.41 14.79 -1.63
N GLY A 116 -2.33 14.64 -2.95
CA GLY A 116 -1.40 15.41 -3.76
C GLY A 116 -1.78 16.87 -3.82
N TYR A 117 -3.09 17.11 -3.90
CA TYR A 117 -3.63 18.45 -3.86
C TYR A 117 -3.35 19.07 -2.50
N GLU A 118 -3.68 18.31 -1.45
CA GLU A 118 -3.36 18.70 -0.07
C GLU A 118 -1.90 19.14 0.10
N LYS A 119 -0.96 18.30 -0.33
CA LYS A 119 0.46 18.58 -0.10
C LYS A 119 1.01 19.77 -0.89
N SER A 120 0.46 20.02 -2.06
CA SER A 120 0.84 21.20 -2.81
C SER A 120 0.47 22.48 -2.06
N CYS A 121 -0.78 22.55 -1.61
CA CYS A 121 -1.27 23.69 -0.84
C CYS A 121 -0.47 23.92 0.43
N VAL A 122 -0.16 22.86 1.17
CA VAL A 122 0.65 22.99 2.38
C VAL A 122 1.98 23.65 2.02
N LEU A 123 2.65 23.12 1.01
CA LEU A 123 3.91 23.67 0.53
C LEU A 123 3.80 25.13 0.01
N PHE A 124 2.64 25.49 -0.58
CA PHE A 124 2.46 26.85 -1.08
C PHE A 124 2.49 27.77 0.12
N ASN A 125 1.74 27.37 1.15
CA ASN A 125 1.69 28.08 2.41
C ASN A 125 3.06 28.14 3.10
N CYS A 126 3.86 27.09 2.90
CA CYS A 126 5.21 27.08 3.43
C CYS A 126 6.01 28.15 2.69
N ALA A 127 6.01 28.07 1.37
CA ALA A 127 6.56 29.12 0.53
C ALA A 127 6.06 30.50 0.95
N ALA A 128 4.75 30.67 1.06
CA ALA A 128 4.18 31.98 1.34
C ALA A 128 4.62 32.50 2.70
N LEU A 129 4.41 31.72 3.75
CA LEU A 129 4.88 32.12 5.08
C LEU A 129 6.38 32.51 5.10
N ALA A 130 7.25 31.65 4.56
CA ALA A 130 8.66 32.01 4.41
C ALA A 130 8.87 33.36 3.72
N SER A 131 8.08 33.66 2.69
CA SER A 131 8.18 34.93 2.00
C SER A 131 7.90 36.09 2.94
N GLN A 132 6.84 35.95 3.74
CA GLN A 132 6.44 36.99 4.68
C GLN A 132 7.47 37.24 5.78
N ILE A 133 8.09 36.17 6.28
CA ILE A 133 9.16 36.27 7.28
C ILE A 133 10.38 36.96 6.66
N ALA A 134 10.71 36.58 5.42
CA ALA A 134 11.82 37.24 4.71
C ALA A 134 11.57 38.74 4.53
N ALA A 135 10.37 39.11 4.08
CA ALA A 135 10.07 40.54 3.82
C ALA A 135 10.17 41.39 5.07
N GLU A 136 10.11 40.75 6.23
CA GLU A 136 10.01 41.42 7.51
C GLU A 136 11.38 41.74 8.06
N GLN A 137 12.37 40.97 7.62
CA GLN A 137 13.73 41.10 8.13
C GLN A 137 14.33 42.49 8.12
N ASN A 138 15.18 42.76 9.09
CA ASN A 138 15.95 43.99 9.14
C ASN A 138 17.21 43.85 8.30
N LEU A 139 17.27 44.59 7.22
CA LEU A 139 18.36 44.43 6.25
C LEU A 139 19.67 45.22 6.53
N ASP A 140 19.68 46.07 7.56
CA ASP A 140 20.91 46.73 8.00
C ASP A 140 21.72 45.86 8.96
N ASN A 141 21.62 44.53 8.82
CA ASN A 141 21.96 43.61 9.90
C ASN A 141 22.33 42.23 9.33
N ASP A 142 23.40 41.62 9.85
CA ASP A 142 23.90 40.38 9.26
C ASP A 142 22.95 39.21 9.37
N GLU A 143 22.26 39.08 10.50
CA GLU A 143 21.24 38.06 10.64
C GLU A 143 19.98 38.33 9.79
N GLY A 144 19.70 39.60 9.54
CA GLY A 144 18.58 39.98 8.67
C GLY A 144 18.79 39.56 7.22
N LEU A 145 19.93 39.96 6.66
CA LEU A 145 20.34 39.49 5.35
C LEU A 145 20.32 37.97 5.23
N LYS A 146 20.96 37.29 6.17
CA LYS A 146 21.11 35.84 6.12
C LYS A 146 19.78 35.14 6.22
N ILE A 147 18.87 35.65 7.04
CA ILE A 147 17.56 34.97 7.19
C ILE A 147 16.67 35.21 5.98
N ALA A 148 16.76 36.40 5.39
CA ALA A 148 15.94 36.70 4.23
C ALA A 148 16.43 35.92 3.01
N ALA A 149 17.76 35.79 2.91
CA ALA A 149 18.37 35.14 1.74
C ALA A 149 18.01 33.68 1.73
N LYS A 150 17.94 33.08 2.91
CA LYS A 150 17.60 31.67 3.03
C LYS A 150 16.11 31.43 2.79
N HIS A 151 15.27 32.31 3.35
CA HIS A 151 13.82 32.15 3.18
C HIS A 151 13.32 32.40 1.75
N TYR A 152 13.92 33.38 1.05
CA TYR A 152 13.54 33.62 -0.34
C TYR A 152 13.92 32.45 -1.21
N GLN A 153 15.09 31.86 -0.97
CA GLN A 153 15.53 30.74 -1.79
C GLN A 153 14.73 29.49 -1.48
N PHE A 154 14.30 29.34 -0.23
CA PHE A 154 13.36 28.27 0.12
C PHE A 154 12.04 28.52 -0.60
N ALA A 155 11.45 29.68 -0.40
CA ALA A 155 10.18 30.00 -1.08
C ALA A 155 10.26 29.77 -2.60
N SER A 156 11.36 30.17 -3.18
CA SER A 156 11.53 30.00 -4.61
C SER A 156 11.59 28.52 -5.00
N GLY A 157 12.28 27.70 -4.20
CA GLY A 157 12.39 26.25 -4.45
C GLY A 157 11.07 25.56 -4.15
N ALA A 158 10.37 26.02 -3.12
CA ALA A 158 9.09 25.42 -2.73
C ALA A 158 8.09 25.65 -3.86
N PHE A 159 7.95 26.90 -4.30
CA PHE A 159 7.09 27.22 -5.44
C PHE A 159 7.44 26.42 -6.72
N LEU A 160 8.72 26.15 -6.95
CA LEU A 160 9.15 25.45 -8.18
C LEU A 160 8.87 23.93 -8.12
N HIS A 161 8.92 23.37 -6.93
CA HIS A 161 8.59 21.98 -6.74
C HIS A 161 7.08 21.84 -6.96
N ILE A 162 6.32 22.84 -6.51
CA ILE A 162 4.90 22.91 -6.84
C ILE A 162 4.69 22.97 -8.34
N LYS A 163 5.55 23.70 -9.06
CA LYS A 163 5.40 23.81 -10.51
C LYS A 163 5.56 22.47 -11.22
N GLU A 164 6.39 21.60 -10.68
CA GLU A 164 6.67 20.31 -11.33
C GLU A 164 5.86 19.15 -10.72
N THR A 165 5.05 19.43 -9.70
CA THR A 165 4.27 18.38 -9.04
C THR A 165 2.77 18.48 -9.32
N VAL A 166 2.23 19.70 -9.44
CA VAL A 166 0.77 19.89 -9.46
C VAL A 166 -0.02 18.99 -10.40
N LEU A 167 0.20 19.16 -11.70
CA LEU A 167 -0.63 18.54 -12.73
C LEU A 167 -0.69 17.01 -12.66
N SER A 168 0.41 16.37 -12.27
CA SER A 168 0.44 14.92 -12.12
C SER A 168 -0.43 14.46 -10.95
N ALA A 169 -0.06 14.89 -9.74
CA ALA A 169 -0.75 14.47 -8.51
C ALA A 169 -2.24 14.77 -8.56
N LEU A 170 -2.56 16.06 -8.58
CA LEU A 170 -3.91 16.57 -8.75
C LEU A 170 -4.45 16.17 -10.12
N SER A 171 -5.54 15.38 -10.11
CA SER A 171 -6.15 14.92 -11.35
C SER A 171 -7.41 15.72 -11.68
N ARG A 172 -7.23 17.04 -11.73
CA ARG A 172 -8.26 18.01 -12.12
C ARG A 172 -7.54 19.23 -12.68
N GLU A 173 -8.22 20.37 -12.76
CA GLU A 173 -7.53 21.61 -13.05
C GLU A 173 -7.39 22.39 -11.75
N PRO A 174 -6.14 22.76 -11.38
CA PRO A 174 -5.92 23.46 -10.13
C PRO A 174 -6.40 24.91 -10.21
N THR A 175 -6.64 25.51 -9.04
CA THR A 175 -6.91 26.92 -8.95
C THR A 175 -5.71 27.68 -9.47
N VAL A 176 -5.94 28.92 -9.88
CA VAL A 176 -4.93 29.79 -10.48
C VAL A 176 -3.65 29.94 -9.63
N ASP A 177 -3.81 30.00 -8.31
CA ASP A 177 -2.65 30.28 -7.46
C ASP A 177 -1.59 29.18 -7.49
N ILE A 178 -2.02 27.93 -7.45
CA ILE A 178 -1.08 26.80 -7.48
C ILE A 178 -0.87 26.26 -8.90
N SER A 179 -1.26 27.06 -9.89
CA SER A 179 -1.09 26.70 -11.30
C SER A 179 0.34 26.96 -11.79
N PRO A 180 0.95 25.97 -12.48
CA PRO A 180 2.34 26.00 -12.98
C PRO A 180 2.92 27.36 -13.37
N ASP A 181 2.21 28.17 -14.16
CA ASP A 181 2.75 29.47 -14.60
C ASP A 181 2.78 30.47 -13.47
N THR A 182 1.76 30.44 -12.62
CA THR A 182 1.75 31.34 -11.50
C THR A 182 2.92 31.00 -10.58
N VAL A 183 2.98 29.74 -10.19
CA VAL A 183 3.89 29.32 -9.18
C VAL A 183 5.34 29.41 -9.72
N GLY A 184 5.46 29.39 -11.05
CA GLY A 184 6.74 29.57 -11.71
C GLY A 184 7.14 31.03 -11.78
N THR A 185 6.18 31.93 -11.83
CA THR A 185 6.52 33.35 -11.76
C THR A 185 6.89 33.69 -10.34
N LEU A 186 6.17 33.14 -9.38
CA LEU A 186 6.42 33.47 -8.01
C LEU A 186 7.82 32.98 -7.63
N SER A 187 8.18 31.78 -8.07
CA SER A 187 9.50 31.26 -7.83
C SER A 187 10.59 32.18 -8.32
N LEU A 188 10.36 32.86 -9.44
CA LEU A 188 11.37 33.70 -10.03
C LEU A 188 11.48 35.05 -9.32
N ILE A 189 10.34 35.57 -8.87
CA ILE A 189 10.32 36.76 -8.02
C ILE A 189 11.12 36.52 -6.69
N MET A 190 10.91 35.37 -6.08
CA MET A 190 11.60 35.04 -4.84
C MET A 190 13.12 34.95 -5.12
N LEU A 191 13.50 34.32 -6.21
CA LEU A 191 14.90 34.24 -6.60
C LEU A 191 15.49 35.63 -6.73
N ALA A 192 14.76 36.52 -7.43
CA ALA A 192 15.17 37.91 -7.67
C ALA A 192 15.40 38.71 -6.40
N GLN A 193 14.49 38.54 -5.45
CA GLN A 193 14.59 39.22 -4.18
C GLN A 193 15.77 38.64 -3.36
N ALA A 194 16.12 37.39 -3.62
CA ALA A 194 17.26 36.80 -3.00
C ALA A 194 18.50 37.43 -3.62
N GLN A 195 18.53 37.69 -4.94
CA GLN A 195 19.67 38.45 -5.46
C GLN A 195 19.67 39.81 -4.78
N GLU A 196 18.52 40.50 -4.78
CA GLU A 196 18.49 41.83 -4.20
C GLU A 196 19.27 41.82 -2.88
N VAL A 197 18.87 40.91 -1.99
CA VAL A 197 19.55 40.72 -0.70
C VAL A 197 21.07 40.56 -0.78
N PHE A 198 21.57 39.62 -1.58
CA PHE A 198 23.02 39.55 -1.82
C PHE A 198 23.64 40.82 -2.39
N PHE A 199 22.89 41.60 -3.21
CA PHE A 199 23.40 42.87 -3.70
C PHE A 199 23.49 43.84 -2.54
N LEU A 200 22.58 43.68 -1.59
CA LEU A 200 22.50 44.55 -0.44
C LEU A 200 23.68 44.26 0.54
N LYS A 201 23.95 42.98 0.81
CA LYS A 201 25.11 42.53 1.58
C LYS A 201 26.46 43.06 1.03
N ALA A 202 26.65 42.96 -0.29
CA ALA A 202 27.88 43.41 -0.91
C ALA A 202 28.02 44.90 -0.72
N THR A 203 26.88 45.60 -0.78
CA THR A 203 26.90 47.06 -0.61
C THR A 203 27.36 47.37 0.85
N ARG A 204 26.79 46.63 1.80
CA ARG A 204 26.97 46.91 3.21
C ARG A 204 28.43 46.54 3.60
N ASP A 205 28.95 45.46 3.01
CA ASP A 205 30.32 45.01 3.19
C ASP A 205 31.36 45.76 2.36
N LYS A 206 31.01 46.94 1.87
CA LYS A 206 31.86 47.75 0.92
C LYS A 206 32.77 47.00 -0.10
N MET A 207 32.24 45.93 -0.68
CA MET A 207 32.87 45.24 -1.79
C MET A 207 33.07 46.09 -3.05
N LYS A 208 33.95 45.64 -3.92
CA LYS A 208 34.29 46.32 -5.16
C LYS A 208 33.07 46.63 -6.07
N ASP A 209 33.08 47.80 -6.66
CA ASP A 209 32.03 48.20 -7.52
C ASP A 209 31.80 47.20 -8.65
N ALA A 210 32.87 46.72 -9.28
CA ALA A 210 32.76 45.76 -10.38
C ALA A 210 31.86 44.61 -9.97
N ILE A 211 32.00 44.16 -8.71
CA ILE A 211 31.19 43.07 -8.14
C ILE A 211 29.75 43.54 -7.95
N ILE A 212 29.58 44.73 -7.44
CA ILE A 212 28.26 45.14 -7.00
C ILE A 212 27.39 45.42 -8.24
N ALA A 213 28.03 46.00 -9.25
CA ALA A 213 27.41 46.30 -10.52
C ALA A 213 26.86 45.01 -11.11
N LYS A 214 27.66 43.93 -10.97
CA LYS A 214 27.29 42.64 -11.54
C LYS A 214 26.21 41.90 -10.80
N LEU A 215 26.02 42.22 -9.52
CA LEU A 215 25.05 41.53 -8.68
C LEU A 215 23.71 42.25 -8.89
N ALA A 216 23.81 43.55 -9.08
CA ALA A 216 22.66 44.39 -9.29
C ALA A 216 22.16 44.04 -10.68
N ASN A 217 23.07 43.79 -11.61
CA ASN A 217 22.64 43.45 -12.98
C ASN A 217 21.99 42.10 -13.04
N GLN A 218 22.52 41.14 -12.28
CA GLN A 218 21.84 39.86 -12.19
C GLN A 218 20.40 40.00 -11.63
N ALA A 219 20.23 40.85 -10.61
CA ALA A 219 18.94 40.99 -9.94
C ALA A 219 17.93 41.56 -10.96
N ALA A 220 18.38 42.57 -11.69
CA ALA A 220 17.65 43.26 -12.67
C ALA A 220 17.22 42.33 -13.82
N ASP A 221 18.06 41.38 -14.16
CA ASP A 221 17.74 40.38 -15.20
C ASP A 221 16.61 39.46 -14.68
N TYR A 222 16.63 39.17 -13.39
CA TYR A 222 15.69 38.28 -12.77
C TYR A 222 14.32 38.97 -12.65
N PHE A 223 14.34 40.27 -12.32
CA PHE A 223 13.14 41.05 -12.12
C PHE A 223 12.43 41.36 -13.47
N GLY A 224 13.21 41.65 -14.51
CA GLY A 224 12.74 41.81 -15.89
C GLY A 224 11.95 40.61 -16.43
N ASP A 225 12.48 39.40 -16.24
CA ASP A 225 11.83 38.19 -16.71
C ASP A 225 10.53 37.97 -15.96
N ALA A 226 10.57 38.18 -14.65
CA ALA A 226 9.39 38.09 -13.82
C ALA A 226 8.36 39.12 -14.31
N PHE A 227 8.85 40.31 -14.65
CA PHE A 227 8.02 41.37 -15.19
C PHE A 227 7.36 40.95 -16.49
N LYS A 228 8.14 40.42 -17.42
CA LYS A 228 7.64 40.00 -18.74
C LYS A 228 6.52 38.96 -18.61
N GLN A 229 6.85 37.79 -18.05
CA GLN A 229 5.88 36.81 -17.62
C GLN A 229 4.54 37.42 -17.17
N CYS A 230 4.59 38.50 -16.42
CA CYS A 230 3.40 39.20 -15.97
C CYS A 230 2.69 40.13 -16.99
N GLN A 231 3.37 40.55 -18.04
CA GLN A 231 2.81 41.57 -18.90
C GLN A 231 1.52 41.11 -19.55
N TYR A 232 1.47 39.84 -19.95
CA TYR A 232 0.23 39.34 -20.52
C TYR A 232 -0.36 38.11 -19.80
N LYS A 233 -0.59 38.28 -18.50
CA LYS A 233 -1.34 37.35 -17.65
C LYS A 233 -1.43 38.02 -16.28
N ASP A 234 -2.64 38.41 -15.88
CA ASP A 234 -2.84 39.07 -14.58
C ASP A 234 -3.37 38.08 -13.53
N THR A 235 -2.44 37.31 -13.00
CA THR A 235 -2.77 36.21 -12.09
C THR A 235 -2.28 36.47 -10.67
N LEU A 236 -1.69 37.63 -10.44
CA LEU A 236 -1.15 37.96 -9.12
C LEU A 236 -1.79 39.23 -8.54
N PRO A 237 -1.72 39.41 -7.20
CA PRO A 237 -2.31 40.59 -6.58
C PRO A 237 -1.86 41.84 -7.34
N LYS A 238 -2.68 42.88 -7.33
CA LYS A 238 -2.50 44.05 -8.19
C LYS A 238 -1.18 44.83 -7.95
N GLU A 239 -0.62 44.66 -6.76
CA GLU A 239 0.57 45.41 -6.35
C GLU A 239 1.84 44.78 -6.89
N VAL A 240 1.81 43.49 -7.21
CA VAL A 240 3.00 42.82 -7.72
C VAL A 240 3.59 43.50 -8.98
N PHE A 241 2.73 43.79 -9.95
CA PHE A 241 3.13 44.30 -11.27
C PHE A 241 4.00 45.56 -11.25
N PRO A 242 3.49 46.67 -10.69
CA PRO A 242 4.29 47.92 -10.56
C PRO A 242 5.51 47.77 -9.62
N VAL A 243 5.41 46.90 -8.63
CA VAL A 243 6.60 46.73 -7.79
C VAL A 243 7.69 46.05 -8.65
N LEU A 244 7.32 45.04 -9.45
CA LEU A 244 8.33 44.36 -10.24
C LEU A 244 8.95 45.37 -11.14
N ALA A 245 8.13 46.26 -11.70
CA ALA A 245 8.63 47.22 -12.69
C ALA A 245 9.60 48.18 -12.04
N ALA A 246 9.21 48.75 -10.91
CA ALA A 246 10.12 49.66 -10.20
C ALA A 246 11.44 48.94 -9.83
N LYS A 247 11.35 47.72 -9.25
CA LYS A 247 12.57 47.06 -8.77
C LYS A 247 13.51 46.76 -9.91
N HIS A 248 12.98 46.31 -11.05
CA HIS A 248 13.74 46.18 -12.30
C HIS A 248 14.50 47.47 -12.60
N CYS A 249 13.79 48.60 -12.61
CA CYS A 249 14.48 49.85 -12.87
C CYS A 249 15.56 50.19 -11.90
N ILE A 250 15.26 50.06 -10.58
CA ILE A 250 16.20 50.46 -9.51
C ILE A 250 17.45 49.62 -9.59
N MET A 251 17.29 48.38 -10.03
CA MET A 251 18.44 47.48 -10.11
C MET A 251 19.28 47.77 -11.37
N GLN A 252 18.64 48.20 -12.45
CA GLN A 252 19.41 48.70 -13.60
C GLN A 252 20.23 49.93 -13.26
N ALA A 253 19.60 50.87 -12.53
CA ALA A 253 20.26 52.11 -12.08
C ALA A 253 21.43 51.78 -11.09
N ASN A 254 21.20 50.88 -10.15
CA ASN A 254 22.31 50.45 -9.26
C ASN A 254 23.42 49.85 -10.09
N ALA A 255 23.08 49.06 -11.10
CA ALA A 255 24.13 48.52 -11.95
C ALA A 255 24.88 49.63 -12.67
N GLU A 256 24.15 50.61 -13.20
CA GLU A 256 24.77 51.66 -14.00
C GLU A 256 25.62 52.53 -13.11
N TYR A 257 25.08 52.97 -11.97
CA TYR A 257 25.86 53.78 -11.03
C TYR A 257 27.21 53.10 -10.65
N HIS A 258 27.19 51.81 -10.29
CA HIS A 258 28.43 51.15 -9.96
C HIS A 258 29.45 50.99 -11.09
N GLN A 259 28.95 50.68 -12.28
CA GLN A 259 29.82 50.53 -13.41
C GLN A 259 30.33 51.92 -13.73
N SER A 260 29.63 52.96 -13.29
CA SER A 260 30.13 54.29 -13.58
C SER A 260 31.33 54.65 -12.70
N ILE A 261 31.39 54.10 -11.50
CA ILE A 261 32.55 54.26 -10.66
C ILE A 261 33.75 53.51 -11.26
N LEU A 262 33.48 52.42 -11.98
CA LEU A 262 34.56 51.78 -12.71
C LEU A 262 35.07 52.70 -13.78
N ALA A 263 34.23 53.02 -14.76
CA ALA A 263 34.65 53.87 -15.89
C ALA A 263 35.53 55.07 -15.47
N LYS A 264 35.11 55.76 -14.42
CA LYS A 264 35.86 56.86 -13.84
C LYS A 264 37.27 56.38 -13.41
N GLN A 265 37.33 55.29 -12.65
CA GLN A 265 38.59 54.74 -12.20
C GLN A 265 39.52 54.48 -13.36
N GLN A 266 38.95 54.26 -14.54
CA GLN A 266 39.74 53.92 -15.73
C GLN A 266 39.83 55.09 -16.67
N TYR A 267 39.45 56.27 -16.18
CA TYR A 267 39.46 57.49 -16.97
C TYR A 267 38.57 57.42 -18.22
N TYR A 268 37.57 56.55 -18.20
CA TYR A 268 36.56 56.60 -19.25
C TYR A 268 35.48 57.61 -18.82
N PHE A 269 35.77 58.89 -19.01
CA PHE A 269 34.93 59.97 -18.49
C PHE A 269 33.58 60.15 -19.21
N GLY A 270 33.59 60.07 -20.53
CA GLY A 270 32.35 60.13 -21.30
C GLY A 270 31.41 58.98 -20.95
N GLU A 271 31.98 57.82 -20.65
CA GLU A 271 31.19 56.68 -20.26
C GLU A 271 30.61 56.86 -18.86
N GLU A 272 31.39 57.45 -17.96
CA GLU A 272 30.92 57.74 -16.61
C GLU A 272 29.66 58.52 -16.77
N ILE A 273 29.76 59.60 -17.55
CA ILE A 273 28.63 60.49 -17.75
C ILE A 273 27.45 59.78 -18.40
N ALA A 274 27.70 58.95 -19.41
CA ALA A 274 26.60 58.31 -20.12
C ALA A 274 25.87 57.35 -19.20
N ARG A 275 26.64 56.61 -18.36
CA ARG A 275 26.01 55.65 -17.49
C ARG A 275 25.23 56.33 -16.36
N LEU A 276 25.80 57.40 -15.81
CA LEU A 276 25.10 58.18 -14.79
C LEU A 276 23.78 58.75 -15.35
N GLN A 277 23.83 59.30 -16.56
CA GLN A 277 22.62 59.84 -17.19
C GLN A 277 21.53 58.78 -17.30
N HIS A 278 21.90 57.59 -17.78
CA HIS A 278 21.01 56.43 -17.73
C HIS A 278 20.45 56.15 -16.29
N ALA A 279 21.32 56.05 -15.27
CA ALA A 279 20.82 55.90 -13.88
C ALA A 279 19.82 56.98 -13.45
N ALA A 280 20.11 58.23 -13.81
CA ALA A 280 19.22 59.37 -13.54
C ALA A 280 17.86 59.20 -14.23
N GLU A 281 17.88 58.72 -15.46
CA GLU A 281 16.65 58.59 -16.23
C GLU A 281 15.75 57.55 -15.54
N LEU A 282 16.30 56.39 -15.22
CA LEU A 282 15.50 55.30 -14.66
C LEU A 282 14.90 55.67 -13.32
N ILE A 283 15.69 56.34 -12.49
CA ILE A 283 15.26 56.68 -11.12
C ILE A 283 14.27 57.83 -11.12
N LYS A 284 14.49 58.78 -12.02
CA LYS A 284 13.52 59.86 -12.21
C LYS A 284 12.17 59.24 -12.53
N THR A 285 12.15 58.36 -13.54
CA THR A 285 10.92 57.70 -13.95
C THR A 285 10.31 56.89 -12.82
N VAL A 286 11.14 56.12 -12.11
CA VAL A 286 10.65 55.37 -10.95
C VAL A 286 10.07 56.27 -9.86
N ALA A 287 10.73 57.38 -9.57
CA ALA A 287 10.21 58.28 -8.53
C ALA A 287 8.81 58.88 -8.85
N SER A 288 8.51 59.18 -10.12
CA SER A 288 7.19 59.75 -10.43
C SER A 288 6.04 58.75 -10.69
N ARG A 289 6.34 57.66 -11.38
CA ARG A 289 5.34 56.63 -11.70
C ARG A 289 5.08 55.64 -10.54
N TYR A 290 6.10 55.27 -9.77
CA TYR A 290 5.89 54.27 -8.72
C TYR A 290 6.13 54.80 -7.29
N ASP A 291 5.81 56.09 -7.10
CA ASP A 291 5.99 56.78 -5.80
C ASP A 291 5.23 56.15 -4.65
N GLU A 292 4.13 55.48 -4.98
CA GLU A 292 3.34 54.79 -3.97
C GLU A 292 4.10 53.62 -3.35
N TYR A 293 5.01 53.02 -4.13
CA TYR A 293 5.57 51.71 -3.77
C TYR A 293 7.05 51.73 -3.41
N VAL A 294 7.76 52.81 -3.68
CA VAL A 294 9.17 52.87 -3.34
C VAL A 294 9.57 54.23 -2.83
N ASN A 295 10.73 54.28 -2.18
CA ASN A 295 11.39 55.56 -1.95
C ASN A 295 12.82 55.53 -2.44
N VAL A 296 13.15 56.52 -3.24
CA VAL A 296 14.30 56.44 -4.11
C VAL A 296 15.13 57.73 -3.98
N LYS A 297 14.76 58.56 -3.02
CA LYS A 297 15.36 59.89 -2.84
C LYS A 297 16.88 59.95 -2.65
N ASP A 298 17.40 59.22 -1.68
CA ASP A 298 18.83 59.27 -1.42
C ASP A 298 19.56 58.95 -2.71
N PHE A 299 19.30 57.75 -3.22
CA PHE A 299 19.96 57.26 -4.42
C PHE A 299 19.89 58.32 -5.55
N SER A 300 18.75 58.98 -5.71
CA SER A 300 18.63 60.10 -6.67
C SER A 300 19.60 61.23 -6.37
N ASP A 301 19.64 61.66 -5.12
CA ASP A 301 20.58 62.69 -4.65
C ASP A 301 22.04 62.27 -4.88
N LYS A 302 22.33 61.00 -4.64
CA LYS A 302 23.67 60.47 -4.88
C LYS A 302 24.03 60.37 -6.38
N ILE A 303 23.08 59.95 -7.22
CA ILE A 303 23.29 59.96 -8.66
C ILE A 303 23.59 61.38 -9.11
N ASN A 304 22.69 62.31 -8.81
CA ASN A 304 22.89 63.70 -9.26
C ASN A 304 24.20 64.36 -8.77
N ARG A 305 24.57 64.12 -7.52
CA ARG A 305 25.85 64.64 -6.98
C ARG A 305 26.98 64.13 -7.84
N ALA A 306 27.07 62.80 -7.96
CA ALA A 306 28.03 62.15 -8.87
C ALA A 306 27.99 62.71 -10.28
N LEU A 307 26.80 62.90 -10.84
CA LEU A 307 26.69 63.43 -12.21
C LEU A 307 27.11 64.89 -12.39
N ALA A 308 26.74 65.77 -11.45
CA ALA A 308 27.15 67.17 -11.59
C ALA A 308 28.68 67.25 -11.58
N ALA A 309 29.31 66.59 -10.60
CA ALA A 309 30.77 66.54 -10.49
C ALA A 309 31.45 65.92 -11.70
N ALA A 310 30.92 64.83 -12.24
CA ALA A 310 31.53 64.33 -13.50
C ALA A 310 31.44 65.36 -14.61
N LYS A 311 30.28 66.01 -14.77
CA LYS A 311 30.10 67.03 -15.83
C LYS A 311 30.94 68.32 -15.62
N LYS A 312 31.17 68.68 -14.36
CA LYS A 312 32.09 69.78 -14.01
C LYS A 312 33.51 69.47 -14.49
N ASP A 313 34.06 68.35 -14.00
CA ASP A 313 35.38 67.88 -14.42
C ASP A 313 35.52 67.67 -15.92
N ASN A 314 34.44 67.35 -16.62
CA ASN A 314 34.60 66.98 -18.01
C ASN A 314 34.59 68.20 -18.88
N ASP A 315 33.71 69.14 -18.54
CA ASP A 315 33.50 70.31 -19.36
C ASP A 315 34.70 71.22 -19.31
N PHE A 316 35.33 71.30 -18.14
CA PHE A 316 36.47 72.16 -17.92
C PHE A 316 37.76 71.37 -18.23
N ILE A 317 38.06 70.35 -17.44
CA ILE A 317 39.31 69.63 -17.58
C ILE A 317 39.38 68.67 -18.79
N TYR A 318 38.81 67.47 -18.66
CA TYR A 318 39.05 66.31 -19.55
C TYR A 318 38.56 66.37 -21.02
N HIS A 319 37.40 66.98 -21.25
CA HIS A 319 36.83 67.11 -22.59
C HIS A 319 36.52 65.81 -23.32
N ASP A 320 36.18 64.77 -22.57
CA ASP A 320 35.79 63.47 -23.13
C ASP A 320 34.39 63.52 -23.78
N ARG A 321 34.30 62.91 -24.96
CA ARG A 321 33.06 62.72 -25.72
C ARG A 321 32.17 61.70 -25.03
N VAL A 322 30.88 62.04 -24.88
CA VAL A 322 29.90 61.18 -24.24
C VAL A 322 29.23 60.28 -25.26
N PRO A 323 29.43 58.95 -25.16
CA PRO A 323 28.81 58.03 -26.14
C PRO A 323 27.30 57.86 -25.98
N ASP A 324 26.66 57.35 -27.03
CA ASP A 324 25.31 56.84 -26.96
C ASP A 324 25.38 55.53 -26.17
N LEU A 325 24.36 55.29 -25.36
CA LEU A 325 24.10 53.98 -24.75
C LEU A 325 24.39 52.78 -25.66
N LYS A 326 23.87 52.83 -26.90
CA LYS A 326 23.95 51.70 -27.83
C LYS A 326 25.38 51.18 -28.00
N ASP A 327 26.35 52.09 -27.92
CA ASP A 327 27.77 51.75 -28.09
C ASP A 327 28.51 51.24 -26.84
N LEU A 328 27.81 51.11 -25.72
CA LEU A 328 28.45 50.61 -24.49
C LEU A 328 28.34 49.09 -24.31
N ASP A 329 29.50 48.46 -24.14
CA ASP A 329 29.61 47.08 -23.63
C ASP A 329 28.58 46.73 -22.54
N PRO A 330 27.99 45.53 -22.63
CA PRO A 330 27.07 45.01 -21.62
C PRO A 330 27.73 44.95 -20.26
N ILE A 331 26.99 45.22 -19.20
CA ILE A 331 27.50 44.97 -17.88
C ILE A 331 27.32 43.45 -17.71
N GLY A 332 28.27 42.80 -17.04
CA GLY A 332 28.12 41.36 -16.82
C GLY A 332 27.01 41.04 -15.85
N LYS A 333 26.93 39.78 -15.45
CA LYS A 333 25.90 39.29 -14.52
C LYS A 333 26.59 38.26 -13.58
N ALA A 334 26.25 38.27 -12.28
CA ALA A 334 26.71 37.21 -11.40
C ALA A 334 25.61 36.77 -10.41
N THR A 335 25.15 35.52 -10.54
CA THR A 335 24.23 34.91 -9.59
C THR A 335 24.95 34.23 -8.40
N LEU A 336 24.38 34.39 -7.22
CA LEU A 336 25.00 34.00 -5.95
C LEU A 336 23.89 33.19 -5.24
N VAL A 337 22.89 32.80 -6.04
CA VAL A 337 21.60 32.34 -5.53
C VAL A 337 20.95 31.16 -6.31
N LYS A 338 20.17 30.36 -5.60
CA LYS A 338 19.61 29.14 -6.19
C LYS A 338 18.27 28.82 -5.60
N SER A 339 17.40 28.23 -6.41
CA SER A 339 16.15 27.68 -5.89
C SER A 339 16.45 26.47 -5.02
N THR A 340 16.05 26.50 -3.78
CA THR A 340 16.30 25.38 -2.88
C THR A 340 15.47 24.14 -3.25
N PRO A 341 16.13 23.02 -3.54
CA PRO A 341 15.38 21.76 -3.76
C PRO A 341 14.59 21.36 -2.52
N VAL A 342 13.37 20.91 -2.72
CA VAL A 342 12.53 20.33 -1.66
C VAL A 342 12.84 18.82 -1.53
N ASN A 343 13.28 18.41 -0.33
CA ASN A 343 13.58 17.00 -0.04
C ASN A 343 13.19 16.69 1.40
N VAL A 344 12.06 16.00 1.61
CA VAL A 344 11.60 15.71 2.98
C VAL A 344 12.66 14.89 3.72
N PRO A 345 12.96 15.26 4.98
CA PRO A 345 12.26 16.28 5.77
C PRO A 345 12.74 17.71 5.50
N ILE A 346 11.79 18.65 5.36
CA ILE A 346 12.13 20.08 5.33
C ILE A 346 12.06 20.69 6.75
N SER A 347 11.44 19.98 7.68
CA SER A 347 11.40 20.43 9.07
C SER A 347 12.64 19.98 9.80
N GLN A 348 12.98 20.68 10.87
CA GLN A 348 14.08 20.25 11.73
C GLN A 348 13.56 19.26 12.76
N LYS A 349 14.45 18.42 13.29
CA LYS A 349 14.12 17.38 14.29
C LYS A 349 12.96 16.47 13.89
N PHE A 350 12.70 16.34 12.59
CA PHE A 350 11.57 15.50 12.13
C PHE A 350 11.60 14.12 12.75
N THR A 351 10.41 13.59 13.04
CA THR A 351 10.23 12.22 13.50
C THR A 351 8.96 11.66 12.86
N ASP A 352 9.02 10.46 12.28
CA ASP A 352 7.85 9.96 11.55
C ASP A 352 6.88 9.14 12.42
N LEU A 353 5.73 9.75 12.71
CA LEU A 353 4.68 9.11 13.52
C LEU A 353 4.35 7.68 13.10
N PHE A 354 4.12 7.48 11.80
CA PHE A 354 3.73 6.17 11.28
C PHE A 354 4.88 5.41 10.64
N GLU A 355 6.11 5.72 11.09
CA GLU A 355 7.31 5.05 10.60
C GLU A 355 7.20 3.53 10.67
N LYS A 356 6.77 3.03 11.83
CA LYS A 356 6.62 1.59 12.07
C LYS A 356 5.60 0.91 11.16
N MET A 357 4.63 1.69 10.68
CA MET A 357 3.57 1.16 9.83
C MET A 357 4.11 0.66 8.48
N VAL A 358 3.81 -0.60 8.19
CA VAL A 358 4.26 -1.25 6.96
C VAL A 358 3.56 -0.63 5.75
N PRO A 359 4.33 -0.31 4.68
CA PRO A 359 3.72 0.21 3.44
C PRO A 359 2.68 -0.72 2.82
N VAL A 360 1.70 -0.13 2.14
CA VAL A 360 0.66 -0.84 1.41
C VAL A 360 1.24 -1.73 0.30
N SER A 361 2.27 -1.21 -0.36
CA SER A 361 3.02 -1.91 -1.39
C SER A 361 3.39 -3.33 -0.96
N VAL A 362 3.77 -3.47 0.31
CA VAL A 362 4.13 -4.75 0.87
C VAL A 362 2.88 -5.58 1.18
N GLN A 363 1.93 -4.99 1.91
CA GLN A 363 0.68 -5.66 2.24
C GLN A 363 0.10 -6.40 1.05
N GLN A 364 -0.23 -5.65 -0.01
CA GLN A 364 -0.79 -6.25 -1.22
C GLN A 364 0.07 -7.40 -1.72
N SER A 365 1.37 -7.16 -1.89
CA SER A 365 2.33 -8.18 -2.31
C SER A 365 2.38 -9.40 -1.36
N LEU A 366 2.43 -9.12 -0.07
CA LEU A 366 2.51 -10.16 0.95
C LEU A 366 1.26 -11.05 0.94
N ALA A 367 0.11 -10.42 0.72
CA ALA A 367 -1.15 -11.14 0.61
C ALA A 367 -1.22 -11.95 -0.69
N ALA A 368 -0.94 -11.31 -1.82
CA ALA A 368 -0.96 -11.98 -3.12
C ALA A 368 0.04 -13.13 -3.23
N TYR A 369 1.14 -13.04 -2.48
CA TYR A 369 2.11 -14.14 -2.35
C TYR A 369 1.46 -15.38 -1.74
N ASN A 370 0.71 -15.17 -0.66
CA ASN A 370 0.05 -16.25 0.07
C ASN A 370 -0.99 -17.02 -0.73
N GLN A 371 -1.68 -16.33 -1.64
CA GLN A 371 -2.65 -16.96 -2.54
C GLN A 371 -1.95 -17.79 -3.64
N ARG A 372 -0.70 -17.45 -3.93
CA ARG A 372 0.12 -18.23 -4.87
C ARG A 372 0.81 -19.40 -4.18
N LYS A 373 1.18 -19.21 -2.90
CA LYS A 373 1.72 -20.28 -2.07
C LYS A 373 0.63 -21.33 -1.83
N ALA A 374 -0.57 -20.83 -1.53
CA ALA A 374 -1.73 -21.66 -1.26
C ALA A 374 -2.11 -22.56 -2.44
N ASP A 375 -2.15 -22.00 -3.65
CA ASP A 375 -2.45 -22.77 -4.85
C ASP A 375 -1.43 -23.90 -5.03
N LEU A 376 -0.15 -23.53 -5.06
CA LEU A 376 0.95 -24.48 -5.20
C LEU A 376 0.92 -25.63 -4.18
N VAL A 377 0.54 -25.33 -2.93
CA VAL A 377 0.58 -26.36 -1.88
C VAL A 377 -0.64 -27.31 -1.91
N ASN A 378 -1.83 -26.74 -2.10
CA ASN A 378 -3.04 -27.54 -2.22
C ASN A 378 -3.03 -28.33 -3.50
N ARG A 379 -2.66 -27.66 -4.60
CA ARG A 379 -2.30 -28.26 -5.88
C ARG A 379 -1.60 -29.58 -5.66
N SER A 380 -0.46 -29.52 -4.98
CA SER A 380 0.38 -30.68 -4.75
C SER A 380 -0.26 -31.70 -3.83
N ILE A 381 -0.98 -31.23 -2.82
CA ILE A 381 -1.60 -32.13 -1.85
C ILE A 381 -2.69 -32.92 -2.52
N ALA A 382 -3.57 -32.21 -3.21
CA ALA A 382 -4.75 -32.85 -3.80
C ALA A 382 -4.35 -33.84 -4.87
N GLN A 383 -3.36 -33.50 -5.68
CA GLN A 383 -2.83 -34.38 -6.72
C GLN A 383 -2.42 -35.70 -6.14
N MET A 384 -1.63 -35.66 -5.07
CA MET A 384 -1.11 -36.86 -4.40
C MET A 384 -2.19 -37.75 -3.77
N ARG A 385 -3.11 -37.10 -3.05
CA ARG A 385 -4.23 -37.82 -2.44
C ARG A 385 -5.10 -38.50 -3.50
N GLU A 386 -5.42 -37.78 -4.59
CA GLU A 386 -6.15 -38.38 -5.72
C GLU A 386 -5.45 -39.63 -6.25
N ALA A 387 -4.13 -39.55 -6.40
CA ALA A 387 -3.31 -40.68 -6.84
C ALA A 387 -3.35 -41.87 -5.88
N THR A 388 -3.04 -41.65 -4.60
CA THR A 388 -3.05 -42.75 -3.62
C THR A 388 -4.45 -43.41 -3.57
N THR A 389 -5.48 -42.59 -3.70
CA THR A 389 -6.82 -43.12 -3.78
C THR A 389 -6.96 -44.06 -4.97
N LEU A 390 -6.52 -43.59 -6.14
CA LEU A 390 -6.67 -44.33 -7.38
C LEU A 390 -5.79 -45.57 -7.43
N ALA A 391 -4.63 -45.52 -6.79
CA ALA A 391 -3.78 -46.71 -6.70
C ALA A 391 -4.39 -47.76 -5.77
N ASN A 392 -4.90 -47.35 -4.62
CA ASN A 392 -5.57 -48.24 -3.67
C ASN A 392 -6.80 -48.93 -4.27
N GLY A 393 -7.56 -48.17 -5.06
CA GLY A 393 -8.74 -48.70 -5.77
C GLY A 393 -8.41 -49.76 -6.80
N VAL A 394 -7.28 -49.58 -7.49
CA VAL A 394 -6.83 -50.56 -8.48
C VAL A 394 -6.32 -51.83 -7.79
N LEU A 395 -5.49 -51.67 -6.76
CA LEU A 395 -4.97 -52.84 -6.02
C LEU A 395 -6.06 -53.69 -5.37
N ALA A 396 -7.14 -53.04 -4.94
CA ALA A 396 -8.30 -53.72 -4.35
C ALA A 396 -9.02 -54.51 -5.42
N SER A 397 -9.37 -53.81 -6.50
CA SER A 397 -10.07 -54.41 -7.63
C SER A 397 -9.30 -55.55 -8.29
N LEU A 398 -8.13 -55.88 -7.73
CA LEU A 398 -7.29 -56.98 -8.24
C LEU A 398 -6.74 -57.86 -7.12
N ASN A 399 -7.29 -57.71 -5.93
CA ASN A 399 -6.97 -58.59 -4.80
C ASN A 399 -5.50 -58.59 -4.39
N LEU A 400 -4.87 -57.41 -4.41
CA LEU A 400 -3.43 -57.27 -4.11
C LEU A 400 -3.20 -56.25 -3.02
N PRO A 401 -2.25 -56.51 -2.10
CA PRO A 401 -1.30 -57.64 -2.08
C PRO A 401 -1.84 -58.99 -1.61
N ALA A 402 -3.13 -59.08 -1.27
CA ALA A 402 -3.69 -60.30 -0.68
C ALA A 402 -3.38 -61.58 -1.45
N ALA A 403 -3.79 -61.63 -2.72
CA ALA A 403 -3.68 -62.84 -3.53
C ALA A 403 -2.32 -63.55 -3.42
N ILE A 404 -1.22 -62.83 -3.57
CA ILE A 404 0.11 -63.45 -3.56
C ILE A 404 0.64 -63.80 -2.17
N GLU A 405 -0.20 -63.64 -1.15
CA GLU A 405 0.15 -64.01 0.23
C GLU A 405 -0.80 -65.09 0.70
N ASP A 406 -1.66 -65.54 -0.21
CA ASP A 406 -2.75 -66.44 0.12
C ASP A 406 -2.28 -67.88 -0.06
N VAL A 407 -1.43 -68.30 0.89
CA VAL A 407 -0.77 -69.61 0.88
C VAL A 407 -1.75 -70.75 0.61
N SER A 408 -2.61 -71.05 1.58
CA SER A 408 -3.78 -71.87 1.30
C SER A 408 -4.92 -70.90 1.03
N GLY A 409 -6.15 -71.40 1.16
CA GLY A 409 -7.30 -70.56 1.36
C GLY A 409 -7.75 -70.79 2.77
N ASP A 410 -6.83 -70.90 3.71
CA ASP A 410 -7.13 -71.49 5.01
C ASP A 410 -7.03 -70.46 6.13
N THR A 411 -6.29 -69.38 5.88
CA THR A 411 -5.91 -68.42 6.93
C THR A 411 -6.14 -67.02 6.45
N VAL A 412 -5.94 -66.05 7.34
CA VAL A 412 -6.05 -64.63 7.02
C VAL A 412 -4.72 -64.15 6.40
N PRO A 413 -4.75 -63.79 5.10
CA PRO A 413 -3.56 -63.18 4.49
C PRO A 413 -2.92 -62.07 5.34
N GLN A 414 -1.59 -62.09 5.45
CA GLN A 414 -0.82 -61.23 6.35
C GLN A 414 -1.17 -59.74 6.25
N SER A 415 -1.37 -59.25 5.02
CA SER A 415 -1.68 -57.84 4.78
C SER A 415 -3.06 -57.45 5.32
N ILE A 416 -4.04 -58.32 5.06
CA ILE A 416 -5.38 -58.13 5.62
C ILE A 416 -5.37 -58.11 7.15
N LEU A 417 -4.66 -59.07 7.74
CA LEU A 417 -4.51 -59.11 9.19
C LEU A 417 -3.79 -57.86 9.70
N THR A 418 -2.81 -57.36 8.93
CA THR A 418 -2.09 -56.14 9.31
C THR A 418 -3.03 -54.95 9.33
N LYS A 419 -3.77 -54.77 8.24
CA LYS A 419 -4.78 -53.71 8.13
C LYS A 419 -5.83 -53.83 9.26
N SER A 420 -6.30 -55.05 9.53
CA SER A 420 -7.28 -55.28 10.58
C SER A 420 -6.83 -54.71 11.91
N ARG A 421 -5.60 -55.05 12.29
CA ARG A 421 -5.06 -54.65 13.59
C ARG A 421 -4.89 -53.14 13.69
N SER A 422 -4.61 -52.50 12.57
CA SER A 422 -4.50 -51.05 12.53
C SER A 422 -5.87 -50.43 12.83
N VAL A 423 -6.92 -51.05 12.27
CA VAL A 423 -8.28 -50.59 12.53
C VAL A 423 -8.67 -50.82 13.98
N ILE A 424 -8.37 -52.01 14.50
CA ILE A 424 -8.65 -52.32 15.90
C ILE A 424 -7.89 -51.38 16.83
N GLU A 425 -6.65 -51.06 16.45
CA GLU A 425 -5.82 -50.19 17.27
C GLU A 425 -6.29 -48.73 17.28
N GLN A 426 -6.81 -48.25 16.15
CA GLN A 426 -7.37 -46.88 16.03
C GLN A 426 -8.77 -46.76 16.64
N GLY A 427 -9.22 -47.80 17.33
CA GLY A 427 -10.53 -47.76 18.01
C GLY A 427 -11.63 -48.59 17.40
N GLY A 428 -11.44 -49.05 16.16
CA GLY A 428 -12.46 -49.85 15.49
C GLY A 428 -13.62 -49.03 14.99
N ILE A 429 -14.79 -49.68 14.88
CA ILE A 429 -16.01 -49.06 14.42
C ILE A 429 -16.56 -48.01 15.41
N GLN A 430 -16.25 -48.17 16.68
CA GLN A 430 -16.62 -47.19 17.70
C GLN A 430 -16.13 -45.79 17.33
N THR A 431 -14.90 -45.69 16.85
CA THR A 431 -14.37 -44.39 16.47
C THR A 431 -15.13 -43.75 15.30
N VAL A 432 -15.57 -44.54 14.33
CA VAL A 432 -16.39 -44.02 13.23
C VAL A 432 -17.85 -43.78 13.66
N ASP A 433 -18.39 -44.69 14.46
CA ASP A 433 -19.75 -44.57 14.99
C ASP A 433 -19.90 -43.34 15.89
N GLN A 434 -18.88 -43.05 16.70
CA GLN A 434 -18.95 -41.93 17.63
C GLN A 434 -18.89 -40.58 16.91
N LEU A 435 -17.99 -40.47 15.94
CA LEU A 435 -17.89 -39.27 15.09
C LEU A 435 -19.14 -39.00 14.25
N ILE A 436 -19.80 -40.05 13.74
CA ILE A 436 -21.05 -39.92 12.98
C ILE A 436 -22.22 -39.43 13.86
N LYS A 437 -22.22 -39.89 15.11
CA LYS A 437 -23.23 -39.54 16.09
C LYS A 437 -23.19 -38.04 16.44
N GLU A 438 -21.98 -37.49 16.58
CA GLU A 438 -21.77 -36.16 17.14
C GLU A 438 -21.77 -35.07 16.06
N LEU A 439 -21.71 -35.51 14.81
CA LEU A 439 -21.68 -34.61 13.68
C LEU A 439 -22.98 -33.77 13.56
N PRO A 440 -24.16 -34.41 13.73
CA PRO A 440 -25.38 -33.59 13.64
C PRO A 440 -25.54 -32.62 14.80
N GLU A 441 -24.80 -32.86 15.89
CA GLU A 441 -24.90 -32.02 17.06
C GLU A 441 -24.03 -30.78 16.89
N LEU A 442 -22.85 -30.96 16.30
CA LEU A 442 -21.97 -29.84 15.98
C LEU A 442 -22.57 -28.98 14.86
N LEU A 443 -23.38 -29.59 13.98
CA LEU A 443 -24.14 -28.85 13.02
C LEU A 443 -25.17 -27.98 13.73
N GLN A 444 -25.95 -28.62 14.59
CA GLN A 444 -27.03 -27.97 15.29
C GLN A 444 -26.54 -26.82 16.16
N ARG A 445 -25.35 -27.00 16.74
CA ARG A 445 -24.78 -25.98 17.59
C ARG A 445 -24.47 -24.72 16.79
N ASN A 446 -24.19 -24.90 15.50
CA ASN A 446 -23.89 -23.78 14.64
C ASN A 446 -25.14 -23.10 14.10
N ARG A 447 -26.20 -23.87 13.87
CA ARG A 447 -27.47 -23.27 13.51
C ARG A 447 -27.99 -22.45 14.69
N GLU A 448 -27.86 -23.01 15.90
CA GLU A 448 -28.27 -22.33 17.10
C GLU A 448 -27.66 -20.92 17.12
N ILE A 449 -26.35 -20.83 16.86
CA ILE A 449 -25.65 -19.56 17.03
C ILE A 449 -26.03 -18.54 15.95
N LEU A 450 -26.27 -18.98 14.72
CA LEU A 450 -26.61 -18.09 13.66
C LEU A 450 -28.01 -17.53 13.91
N ASP A 451 -28.95 -18.39 14.30
CA ASP A 451 -30.33 -17.94 14.54
C ASP A 451 -30.47 -16.98 15.72
N GLU A 452 -29.86 -17.31 16.87
CA GLU A 452 -29.94 -16.44 18.03
C GLU A 452 -29.42 -15.05 17.68
N SER A 453 -28.42 -15.00 16.81
CA SER A 453 -27.77 -13.76 16.42
C SER A 453 -28.68 -12.89 15.57
N LEU A 454 -29.23 -13.46 14.52
CA LEU A 454 -30.12 -12.74 13.64
C LEU A 454 -31.42 -12.39 14.34
N ARG A 455 -31.82 -13.23 15.31
CA ARG A 455 -33.00 -12.93 16.12
C ARG A 455 -32.81 -11.63 16.91
N LEU A 456 -31.62 -11.45 17.50
CA LEU A 456 -31.26 -10.22 18.17
C LEU A 456 -31.54 -9.04 17.26
N LEU A 457 -31.08 -9.15 16.00
CA LEU A 457 -31.27 -8.09 15.01
C LEU A 457 -32.75 -7.87 14.71
N ASP A 458 -33.47 -8.98 14.54
CA ASP A 458 -34.89 -8.95 14.30
C ASP A 458 -35.65 -8.25 15.42
N GLU A 459 -35.36 -8.64 16.66
CA GLU A 459 -36.02 -8.03 17.82
C GLU A 459 -35.68 -6.54 18.03
N GLU A 460 -34.44 -6.13 17.79
CA GLU A 460 -34.12 -4.74 17.96
C GLU A 460 -34.77 -3.88 16.85
N GLU A 461 -34.90 -4.46 15.67
CA GLU A 461 -35.45 -3.78 14.51
C GLU A 461 -36.93 -3.50 14.70
N ALA A 462 -37.66 -4.47 15.26
CA ALA A 462 -39.09 -4.36 15.42
C ALA A 462 -39.41 -3.24 16.40
N THR A 463 -38.68 -3.17 17.52
CA THR A 463 -38.93 -2.09 18.48
C THR A 463 -38.49 -0.74 17.92
N ASP A 464 -37.36 -0.71 17.23
CA ASP A 464 -36.97 0.51 16.54
C ASP A 464 -38.09 1.03 15.58
N ASN A 465 -38.67 0.17 14.72
CA ASN A 465 -39.82 0.58 13.88
C ASN A 465 -41.08 1.01 14.67
N ASP A 466 -41.32 0.41 15.83
CA ASP A 466 -42.50 0.79 16.61
C ASP A 466 -42.28 2.16 17.25
N LEU A 467 -41.10 2.38 17.82
CA LEU A 467 -40.72 3.68 18.41
C LEU A 467 -40.73 4.85 17.39
N ARG A 468 -40.33 4.58 16.15
CA ARG A 468 -40.35 5.60 15.11
C ARG A 468 -41.78 5.88 14.65
N ALA A 469 -42.66 4.89 14.79
CA ALA A 469 -44.06 5.05 14.39
C ALA A 469 -44.85 5.79 15.45
N LYS A 470 -44.47 5.64 16.71
CA LYS A 470 -45.20 6.23 17.85
C LYS A 470 -44.66 7.57 18.37
N PHE A 471 -43.44 7.89 18.00
CA PHE A 471 -42.71 9.02 18.59
C PHE A 471 -41.92 9.59 17.44
N LYS A 472 -42.63 9.77 16.32
CA LYS A 472 -42.04 10.28 15.08
C LYS A 472 -41.05 11.39 15.43
N GLU A 473 -41.51 12.32 16.25
CA GLU A 473 -40.71 13.47 16.67
C GLU A 473 -39.57 13.10 17.62
N ARG A 474 -39.88 12.36 18.69
CA ARG A 474 -38.86 12.12 19.73
C ARG A 474 -37.84 11.06 19.31
N TRP A 475 -38.08 10.39 18.20
CA TRP A 475 -37.24 9.26 17.79
C TRP A 475 -36.79 9.39 16.34
N GLN A 476 -35.73 10.19 16.10
CA GLN A 476 -35.18 10.32 14.73
C GLN A 476 -33.70 9.92 14.60
N ARG A 477 -33.48 8.68 14.18
CA ARG A 477 -32.15 8.15 13.89
C ARG A 477 -32.28 7.19 12.72
N THR A 478 -31.19 6.96 11.99
CA THR A 478 -31.21 6.01 10.88
C THR A 478 -31.84 4.70 11.37
N PRO A 479 -32.84 4.19 10.63
CA PRO A 479 -33.54 2.97 10.98
C PRO A 479 -32.61 1.76 11.12
N SER A 480 -33.02 0.77 11.91
CA SER A 480 -32.22 -0.44 12.12
C SER A 480 -31.97 -1.24 10.84
N ASN A 481 -32.99 -1.31 9.99
CA ASN A 481 -32.88 -1.91 8.65
C ASN A 481 -31.59 -1.51 7.93
N GLU A 482 -31.34 -0.21 7.82
CA GLU A 482 -30.16 0.27 7.09
C GLU A 482 -28.86 -0.04 7.82
N LEU A 483 -28.82 0.21 9.13
CA LEU A 483 -27.64 -0.14 9.92
C LEU A 483 -27.30 -1.63 9.90
N TYR A 484 -28.30 -2.48 9.70
CA TYR A 484 -28.10 -3.93 9.83
C TYR A 484 -27.87 -4.71 8.53
N LYS A 485 -28.05 -4.07 7.38
CA LYS A 485 -27.83 -4.75 6.09
C LYS A 485 -26.41 -5.38 5.90
N PRO A 486 -25.34 -4.72 6.40
CA PRO A 486 -24.02 -5.38 6.34
C PRO A 486 -24.00 -6.70 7.09
N LEU A 487 -24.33 -6.68 8.38
CA LEU A 487 -24.34 -7.88 9.22
C LEU A 487 -25.27 -8.99 8.72
N ARG A 488 -26.42 -8.58 8.22
CA ARG A 488 -27.41 -9.50 7.63
C ARG A 488 -26.94 -10.14 6.32
N ALA A 489 -25.91 -9.58 5.70
CA ALA A 489 -25.34 -10.15 4.47
C ALA A 489 -24.24 -11.15 4.80
N GLU A 490 -23.51 -10.92 5.89
CA GLU A 490 -22.64 -11.96 6.44
C GLU A 490 -23.52 -13.16 6.79
N GLY A 491 -24.65 -12.87 7.42
CA GLY A 491 -25.61 -13.88 7.79
C GLY A 491 -26.08 -14.79 6.67
N THR A 492 -26.54 -14.22 5.56
CA THR A 492 -27.03 -15.04 4.43
C THR A 492 -25.90 -15.86 3.80
N ASN A 493 -24.68 -15.32 3.83
CA ASN A 493 -23.51 -16.08 3.42
C ASN A 493 -23.27 -17.30 4.33
N PHE A 494 -23.24 -17.09 5.64
CA PHE A 494 -22.99 -18.18 6.57
C PHE A 494 -23.97 -19.30 6.31
N ARG A 495 -25.19 -18.91 5.96
CA ARG A 495 -26.28 -19.82 5.67
C ARG A 495 -25.89 -20.73 4.52
N THR A 496 -25.31 -20.14 3.49
CA THR A 496 -24.89 -20.88 2.32
C THR A 496 -23.71 -21.77 2.65
N VAL A 497 -22.84 -21.34 3.55
CA VAL A 497 -21.75 -22.20 3.99
C VAL A 497 -22.33 -23.44 4.68
N LEU A 498 -23.38 -23.25 5.48
CA LEU A 498 -24.02 -24.36 6.18
C LEU A 498 -24.76 -25.31 5.24
N ASP A 499 -25.41 -24.76 4.22
CA ASP A 499 -26.05 -25.57 3.17
C ASP A 499 -25.06 -26.54 2.48
N LYS A 500 -23.80 -26.10 2.34
CA LYS A 500 -22.74 -26.91 1.77
C LYS A 500 -22.28 -28.00 2.74
N ALA A 501 -22.17 -27.65 4.02
CA ALA A 501 -21.72 -28.59 5.03
C ALA A 501 -22.66 -29.78 5.17
N VAL A 502 -23.97 -29.49 5.23
CA VAL A 502 -25.04 -30.50 5.27
C VAL A 502 -24.90 -31.53 4.13
N GLN A 503 -24.69 -31.05 2.91
CA GLN A 503 -24.54 -31.92 1.76
C GLN A 503 -23.32 -32.80 1.92
N ALA A 504 -22.20 -32.20 2.33
CA ALA A 504 -20.98 -32.96 2.68
C ALA A 504 -21.25 -34.00 3.77
N ASP A 505 -21.95 -33.61 4.84
CA ASP A 505 -22.41 -34.56 5.86
C ASP A 505 -23.13 -35.73 5.20
N GLY A 506 -24.03 -35.42 4.27
CA GLY A 506 -24.71 -36.41 3.45
C GLY A 506 -23.75 -37.39 2.79
N GLN A 507 -22.71 -36.87 2.16
CA GLN A 507 -21.77 -37.72 1.42
C GLN A 507 -21.10 -38.71 2.37
N VAL A 508 -20.54 -38.22 3.46
CA VAL A 508 -19.88 -39.06 4.46
C VAL A 508 -20.85 -40.10 5.06
N LYS A 509 -22.07 -39.67 5.40
CA LYS A 509 -23.08 -40.57 5.95
C LYS A 509 -23.42 -41.76 5.04
N GLU A 510 -23.68 -41.48 3.77
CA GLU A 510 -24.00 -42.48 2.75
C GLU A 510 -22.83 -43.48 2.59
N CYS A 511 -21.61 -42.95 2.55
CA CYS A 511 -20.45 -43.80 2.48
C CYS A 511 -20.33 -44.65 3.75
N TYR A 512 -20.61 -44.06 4.90
CA TYR A 512 -20.62 -44.75 6.20
C TYR A 512 -21.64 -45.87 6.25
N GLN A 513 -22.85 -45.59 5.75
CA GLN A 513 -23.93 -46.57 5.71
C GLN A 513 -23.64 -47.66 4.70
N SER A 514 -22.89 -47.32 3.67
CA SER A 514 -22.60 -48.24 2.59
C SER A 514 -21.48 -49.20 2.94
N HIS A 515 -20.73 -48.91 4.00
CA HIS A 515 -19.54 -49.70 4.28
C HIS A 515 -19.43 -50.19 5.74
N ARG A 516 -20.43 -49.86 6.56
CA ARG A 516 -20.36 -50.23 7.97
C ARG A 516 -20.07 -51.71 8.18
N ASP A 517 -20.88 -52.57 7.56
CA ASP A 517 -20.90 -54.01 7.88
C ASP A 517 -19.60 -54.73 7.56
N THR A 518 -19.02 -54.42 6.40
CA THR A 518 -17.71 -54.99 6.05
C THR A 518 -16.62 -54.52 7.01
N ILE A 519 -16.66 -53.26 7.42
CA ILE A 519 -15.70 -52.77 8.42
C ILE A 519 -15.79 -53.51 9.76
N VAL A 520 -17.02 -53.81 10.18
CA VAL A 520 -17.29 -54.51 11.45
C VAL A 520 -16.67 -55.91 11.46
N LEU A 521 -16.70 -56.56 10.30
CA LEU A 521 -16.02 -57.83 10.09
C LEU A 521 -14.50 -57.66 10.30
N LEU A 522 -13.89 -56.84 9.44
CA LEU A 522 -12.48 -56.48 9.55
C LEU A 522 -12.00 -56.28 10.98
N CYS A 523 -12.82 -55.67 11.82
CA CYS A 523 -12.45 -55.41 13.22
C CYS A 523 -12.55 -56.60 14.17
N LYS A 524 -12.95 -57.77 13.66
CA LYS A 524 -13.14 -58.93 14.53
C LYS A 524 -11.82 -59.63 14.88
N PRO A 525 -11.66 -60.08 16.14
CA PRO A 525 -10.51 -60.89 16.58
C PRO A 525 -10.09 -61.91 15.53
N GLU A 526 -8.79 -62.14 15.41
CA GLU A 526 -8.23 -62.91 14.30
C GLU A 526 -8.85 -64.29 14.01
N PRO A 527 -9.04 -65.14 15.04
CA PRO A 527 -9.66 -66.43 14.68
C PRO A 527 -11.14 -66.30 14.26
N GLU A 528 -11.86 -65.39 14.90
CA GLU A 528 -13.24 -65.08 14.53
C GLU A 528 -13.33 -64.58 13.08
N LEU A 529 -12.41 -63.70 12.70
CA LEU A 529 -12.36 -63.17 11.35
C LEU A 529 -12.03 -64.26 10.33
N ASN A 530 -11.14 -65.17 10.71
CA ASN A 530 -10.79 -66.23 9.78
C ASN A 530 -11.97 -67.17 9.49
N ALA A 531 -12.84 -67.35 10.48
CA ALA A 531 -14.03 -68.20 10.37
C ALA A 531 -15.05 -67.65 9.37
N ALA A 532 -15.08 -66.33 9.22
CA ALA A 532 -16.02 -65.69 8.32
C ALA A 532 -15.48 -65.54 6.89
N ILE A 533 -14.19 -65.86 6.69
CA ILE A 533 -13.58 -65.79 5.37
C ILE A 533 -13.56 -67.17 4.74
N PRO A 534 -14.32 -67.37 3.64
CA PRO A 534 -14.50 -68.70 3.05
C PRO A 534 -13.16 -69.30 2.64
N SER A 535 -12.98 -70.59 2.95
CA SER A 535 -11.78 -71.31 2.55
C SER A 535 -11.84 -71.72 1.09
N ALA A 536 -10.67 -72.01 0.52
CA ALA A 536 -10.52 -72.44 -0.87
C ALA A 536 -9.29 -73.33 -0.99
N ASN A 537 -9.29 -74.19 -2.01
CA ASN A 537 -8.14 -75.02 -2.31
C ASN A 537 -7.24 -74.21 -3.21
N PRO A 538 -6.03 -73.88 -2.73
CA PRO A 538 -5.12 -72.96 -3.43
C PRO A 538 -4.61 -73.50 -4.77
N ALA A 539 -4.43 -72.60 -5.73
CA ALA A 539 -3.74 -72.89 -6.97
C ALA A 539 -2.25 -73.00 -6.63
N LYS A 540 -1.75 -74.24 -6.63
CA LYS A 540 -0.50 -74.60 -5.93
C LYS A 540 0.80 -74.14 -6.57
N THR A 541 0.73 -73.69 -7.83
CA THR A 541 1.86 -73.01 -8.45
C THR A 541 1.98 -71.65 -7.78
N MET A 542 2.75 -71.62 -6.70
CA MET A 542 2.98 -70.43 -5.89
C MET A 542 4.06 -70.79 -4.87
N GLN A 543 5.17 -71.30 -5.39
CA GLN A 543 6.31 -71.69 -4.56
C GLN A 543 7.41 -70.67 -4.78
N GLY A 544 8.13 -70.81 -5.89
CA GLY A 544 9.15 -69.85 -6.31
C GLY A 544 8.70 -69.00 -7.49
N SER A 545 7.51 -69.33 -8.02
CA SER A 545 6.90 -68.68 -9.19
C SER A 545 7.40 -67.27 -9.50
N GLU A 546 7.97 -67.10 -10.69
CA GLU A 546 8.61 -65.85 -11.12
C GLU A 546 7.65 -64.67 -11.26
N VAL A 547 6.42 -64.96 -11.68
CA VAL A 547 5.38 -63.93 -11.85
C VAL A 547 4.98 -63.33 -10.49
N VAL A 548 5.13 -64.12 -9.43
CA VAL A 548 4.83 -63.70 -8.06
C VAL A 548 5.86 -62.68 -7.55
N ASN A 549 7.15 -63.06 -7.57
CA ASN A 549 8.24 -62.18 -7.11
C ASN A 549 8.33 -60.81 -7.82
N VAL A 550 7.86 -60.78 -9.07
CA VAL A 550 7.74 -59.53 -9.84
C VAL A 550 6.62 -58.65 -9.25
N LEU A 551 5.44 -59.23 -9.05
CA LEU A 551 4.36 -58.52 -8.38
C LEU A 551 4.79 -58.14 -6.97
N LYS A 552 5.47 -59.06 -6.28
CA LYS A 552 5.86 -58.84 -4.88
C LYS A 552 6.76 -57.62 -4.72
N SER A 553 7.84 -57.55 -5.52
CA SER A 553 8.76 -56.43 -5.49
C SER A 553 8.11 -55.19 -6.09
N LEU A 554 7.28 -55.37 -7.12
CA LEU A 554 6.51 -54.23 -7.67
C LEU A 554 5.60 -53.57 -6.63
N LEU A 555 4.93 -54.38 -5.82
CA LEU A 555 4.05 -53.87 -4.77
C LEU A 555 4.85 -53.22 -3.65
N SER A 556 6.08 -53.67 -3.47
CA SER A 556 6.98 -53.04 -2.51
C SER A 556 7.29 -51.63 -2.98
N ASN A 557 7.55 -51.48 -4.28
CA ASN A 557 7.85 -50.19 -4.89
C ASN A 557 6.63 -49.29 -4.84
N LEU A 558 5.46 -49.85 -5.11
CA LEU A 558 4.24 -49.06 -4.99
C LEU A 558 4.03 -48.61 -3.55
N ASP A 559 4.26 -49.51 -2.60
CA ASP A 559 4.20 -49.18 -1.17
C ASP A 559 5.16 -48.05 -0.76
N GLU A 560 6.44 -48.22 -1.08
CA GLU A 560 7.46 -47.18 -0.91
C GLU A 560 6.92 -45.82 -1.36
N VAL A 561 6.52 -45.77 -2.64
CA VAL A 561 6.03 -44.55 -3.27
C VAL A 561 4.92 -43.87 -2.48
N LYS A 562 3.86 -44.60 -2.14
CA LYS A 562 2.72 -43.95 -1.49
C LYS A 562 3.00 -43.58 -0.03
N LYS A 563 3.81 -44.40 0.65
CA LYS A 563 4.24 -44.07 2.01
C LYS A 563 5.06 -42.78 2.03
N GLU A 564 5.83 -42.58 0.97
CA GLU A 564 6.67 -41.39 0.82
C GLU A 564 5.87 -40.09 0.66
N ARG A 565 4.71 -40.19 0.02
CA ARG A 565 3.80 -39.04 -0.12
C ARG A 565 3.48 -38.35 1.19
N GLU A 566 3.56 -39.10 2.28
CA GLU A 566 3.21 -38.62 3.62
C GLU A 566 4.23 -37.64 4.21
N GLY A 567 5.52 -37.91 3.98
CA GLY A 567 6.60 -37.02 4.43
C GLY A 567 6.74 -35.85 3.50
N LEU A 568 6.26 -36.01 2.27
CA LEU A 568 6.24 -34.93 1.30
C LEU A 568 5.18 -33.92 1.68
N GLU A 569 3.95 -34.39 1.85
CA GLU A 569 2.85 -33.53 2.26
C GLU A 569 3.22 -32.74 3.50
N ASN A 570 3.83 -33.40 4.47
CA ASN A 570 4.18 -32.77 5.73
C ASN A 570 5.25 -31.68 5.59
N ASP A 571 6.22 -31.92 4.71
CA ASP A 571 7.28 -30.95 4.45
C ASP A 571 6.74 -29.79 3.63
N LEU A 572 5.76 -30.08 2.78
CA LEU A 572 5.14 -29.05 1.97
C LEU A 572 4.47 -28.05 2.91
N LYS A 573 3.86 -28.59 3.98
CA LYS A 573 3.07 -27.84 4.96
C LYS A 573 3.84 -27.22 6.11
N SER A 574 4.95 -27.82 6.52
CA SER A 574 5.68 -27.33 7.69
C SER A 574 6.63 -26.13 7.42
N VAL A 575 6.98 -25.94 6.15
CA VAL A 575 7.91 -24.90 5.77
C VAL A 575 7.12 -23.65 5.40
N ASN A 576 7.75 -22.50 5.55
CA ASN A 576 7.30 -21.26 4.91
C ASN A 576 8.33 -20.13 5.02
N PHE A 577 8.12 -19.12 4.18
CA PHE A 577 9.05 -18.03 4.05
C PHE A 577 8.32 -16.71 4.26
N ASP A 578 8.69 -16.02 5.34
CA ASP A 578 8.31 -14.63 5.57
C ASP A 578 8.94 -13.77 4.49
N MET A 579 8.10 -13.08 3.73
CA MET A 579 8.52 -12.46 2.47
C MET A 579 8.58 -10.91 2.54
N THR A 580 8.12 -10.36 3.66
CA THR A 580 8.13 -8.91 3.96
C THR A 580 9.46 -8.23 3.61
N SER A 581 10.55 -8.91 3.98
CA SER A 581 11.90 -8.42 3.85
C SER A 581 12.31 -8.29 2.39
N LYS A 582 12.16 -9.37 1.63
CA LYS A 582 12.42 -9.37 0.19
C LYS A 582 11.57 -8.31 -0.53
N PHE A 583 10.39 -7.99 0.03
CA PHE A 583 9.53 -6.96 -0.52
C PHE A 583 10.04 -5.57 -0.15
N LEU A 584 10.27 -5.36 1.14
CA LEU A 584 10.86 -4.15 1.68
C LEU A 584 12.08 -3.70 0.86
N THR A 585 12.97 -4.65 0.60
CA THR A 585 14.20 -4.40 -0.16
C THR A 585 13.91 -3.90 -1.57
N ALA A 586 13.19 -4.69 -2.37
CA ALA A 586 12.85 -4.32 -3.74
C ALA A 586 12.12 -2.96 -3.84
N LEU A 587 11.50 -2.54 -2.74
CA LEU A 587 10.83 -1.26 -2.68
C LEU A 587 11.81 -0.10 -2.58
N ALA A 588 12.85 -0.26 -1.76
CA ALA A 588 13.78 0.83 -1.46
C ALA A 588 14.88 1.00 -2.51
N GLN A 589 15.28 -0.11 -3.14
CA GLN A 589 16.32 -0.07 -4.18
C GLN A 589 15.74 0.09 -5.59
N ASP A 590 14.48 -0.27 -5.77
CA ASP A 590 13.80 -0.06 -7.05
C ASP A 590 12.65 0.94 -6.92
N GLY A 591 12.07 1.34 -8.05
CA GLY A 591 10.92 2.25 -8.08
C GLY A 591 9.69 1.67 -7.39
N VAL A 592 9.32 0.46 -7.79
CA VAL A 592 8.14 -0.23 -7.24
C VAL A 592 8.46 -1.68 -6.87
N ILE A 593 7.47 -2.38 -6.33
CA ILE A 593 7.59 -3.81 -6.06
C ILE A 593 6.79 -4.60 -7.09
N ASN A 594 7.49 -5.45 -7.84
CA ASN A 594 6.83 -6.43 -8.70
C ASN A 594 6.85 -7.81 -8.04
N GLU A 595 5.73 -8.17 -7.40
CA GLU A 595 5.65 -9.41 -6.63
C GLU A 595 5.64 -10.67 -7.52
N GLU A 596 4.83 -10.67 -8.56
CA GLU A 596 4.70 -11.80 -9.48
C GLU A 596 6.07 -12.45 -9.70
N ALA A 597 6.96 -11.72 -10.35
CA ALA A 597 8.30 -12.22 -10.69
C ALA A 597 9.15 -12.55 -9.46
N LEU A 598 8.98 -11.76 -8.38
CA LEU A 598 9.79 -11.90 -7.18
C LEU A 598 9.36 -13.11 -6.35
N SER A 599 8.06 -13.43 -6.41
CA SER A 599 7.48 -14.53 -5.66
C SER A 599 7.61 -15.87 -6.41
N VAL A 600 7.42 -15.85 -7.72
CA VAL A 600 7.64 -17.03 -8.54
C VAL A 600 9.03 -17.58 -8.24
N THR A 601 10.05 -16.71 -8.33
CA THR A 601 11.44 -17.12 -8.12
C THR A 601 11.73 -17.65 -6.71
N GLU A 602 11.01 -17.14 -5.72
CA GLU A 602 11.19 -17.61 -4.34
C GLU A 602 10.37 -18.87 -4.04
N LEU A 603 9.20 -18.99 -4.67
CA LEU A 603 8.40 -20.20 -4.56
C LEU A 603 9.08 -21.36 -5.26
N ASP A 604 10.04 -21.05 -6.12
CA ASP A 604 10.81 -22.09 -6.80
C ASP A 604 11.98 -22.49 -5.91
N ARG A 605 12.41 -21.56 -5.06
CA ARG A 605 13.53 -21.80 -4.17
C ARG A 605 13.07 -22.63 -2.97
N VAL A 606 11.93 -22.27 -2.40
CA VAL A 606 11.45 -22.90 -1.17
C VAL A 606 10.77 -24.23 -1.46
N TYR A 607 9.98 -24.25 -2.54
CA TYR A 607 9.06 -25.34 -2.82
C TYR A 607 9.42 -26.23 -4.01
N GLY A 608 10.39 -25.80 -4.80
CA GLY A 608 10.78 -26.52 -6.02
C GLY A 608 11.32 -27.91 -5.81
N GLY A 609 11.99 -28.12 -4.68
CA GLY A 609 12.57 -29.43 -4.36
C GLY A 609 11.45 -30.43 -4.10
N LEU A 610 10.37 -29.94 -3.51
CA LEU A 610 9.24 -30.77 -3.19
C LEU A 610 8.26 -30.89 -4.36
N THR A 611 8.07 -29.84 -5.14
CA THR A 611 7.20 -29.96 -6.33
C THR A 611 7.79 -30.93 -7.35
N THR A 612 9.12 -30.94 -7.48
CA THR A 612 9.82 -31.89 -8.37
C THR A 612 9.46 -33.33 -7.99
N LYS A 613 9.67 -33.66 -6.71
CA LYS A 613 9.44 -35.00 -6.20
C LYS A 613 7.96 -35.42 -6.32
N VAL A 614 7.05 -34.50 -6.00
CA VAL A 614 5.62 -34.75 -6.15
C VAL A 614 5.33 -35.19 -7.58
N GLN A 615 5.92 -34.50 -8.54
CA GLN A 615 5.83 -34.92 -9.94
C GLN A 615 6.50 -36.27 -10.24
N GLU A 616 7.61 -36.56 -9.55
CA GLU A 616 8.34 -37.81 -9.75
C GLU A 616 7.64 -39.00 -9.07
N SER A 617 6.55 -38.69 -8.38
CA SER A 617 5.71 -39.71 -7.76
C SER A 617 4.59 -40.11 -8.72
N LEU A 618 3.78 -39.13 -9.12
CA LEU A 618 2.66 -39.34 -10.05
C LEU A 618 3.02 -40.21 -11.25
N LYS A 619 4.09 -39.83 -11.94
CA LYS A 619 4.59 -40.52 -13.13
C LYS A 619 5.14 -41.92 -12.81
N LYS A 620 5.79 -42.03 -11.66
CA LYS A 620 6.33 -43.28 -11.18
C LYS A 620 5.18 -44.25 -10.80
N GLN A 621 4.12 -43.72 -10.19
CA GLN A 621 2.89 -44.50 -9.96
C GLN A 621 2.31 -44.96 -11.30
N GLU A 622 2.16 -44.04 -12.24
CA GLU A 622 1.67 -44.35 -13.59
C GLU A 622 2.40 -45.56 -14.17
N GLY A 623 3.73 -45.49 -14.15
CA GLY A 623 4.58 -46.59 -14.59
C GLY A 623 4.34 -47.89 -13.83
N LEU A 624 4.19 -47.80 -12.53
CA LEU A 624 3.96 -48.98 -11.70
C LEU A 624 2.58 -49.62 -11.91
N LEU A 625 1.56 -48.80 -12.20
CA LEU A 625 0.21 -49.33 -12.44
C LEU A 625 0.04 -49.90 -13.85
N LYS A 626 0.99 -49.56 -14.72
CA LYS A 626 1.05 -50.03 -16.09
C LYS A 626 1.49 -51.51 -16.11
N ASN A 627 2.69 -51.76 -15.60
CA ASN A 627 3.21 -53.12 -15.53
C ASN A 627 2.99 -53.79 -14.17
N ILE A 628 1.82 -53.54 -13.60
CA ILE A 628 1.27 -54.33 -12.51
C ILE A 628 0.02 -55.03 -13.03
N GLN A 629 -0.73 -54.33 -13.88
CA GLN A 629 -1.95 -54.87 -14.48
C GLN A 629 -1.65 -55.86 -15.61
N VAL A 630 -0.69 -55.52 -16.46
CA VAL A 630 -0.27 -56.40 -17.57
C VAL A 630 0.49 -57.61 -17.02
N SER A 631 1.09 -57.44 -15.84
CA SER A 631 1.76 -58.53 -15.15
C SER A 631 0.73 -59.41 -14.44
N HIS A 632 -0.17 -58.78 -13.68
CA HIS A 632 -1.26 -59.48 -12.97
C HIS A 632 -2.06 -60.38 -13.89
N GLN A 633 -2.52 -59.80 -15.01
CA GLN A 633 -3.37 -60.49 -15.97
C GLN A 633 -2.71 -61.79 -16.49
N GLU A 634 -1.40 -61.92 -16.30
CA GLU A 634 -0.69 -63.17 -16.55
C GLU A 634 -0.76 -64.08 -15.32
N PHE A 635 -0.49 -63.54 -14.14
CA PHE A 635 -0.59 -64.28 -12.87
C PHE A 635 -1.94 -65.01 -12.75
N SER A 636 -2.99 -64.38 -13.28
CA SER A 636 -4.35 -64.93 -13.27
C SER A 636 -4.50 -66.25 -14.04
N LYS A 637 -3.52 -66.59 -14.87
CA LYS A 637 -3.51 -67.87 -15.57
C LYS A 637 -3.18 -69.03 -14.63
N MET A 638 -2.35 -68.75 -13.61
CA MET A 638 -2.03 -69.72 -12.57
C MET A 638 -3.22 -70.04 -11.66
N LYS A 639 -4.19 -69.14 -11.57
CA LYS A 639 -5.41 -69.37 -10.78
C LYS A 639 -6.59 -69.82 -11.65
N GLN A 640 -7.28 -70.87 -11.24
CA GLN A 640 -8.46 -71.33 -11.97
C GLN A 640 -9.78 -70.90 -11.35
N SER A 641 -10.82 -70.83 -12.19
CA SER A 641 -12.12 -70.30 -11.80
C SER A 641 -13.10 -71.37 -11.35
N ASN A 642 -13.22 -71.53 -10.03
CA ASN A 642 -14.26 -72.36 -9.42
C ASN A 642 -15.00 -71.55 -8.34
N ASN A 643 -16.04 -72.14 -7.78
CA ASN A 643 -16.96 -71.45 -6.87
C ASN A 643 -16.34 -71.07 -5.53
N GLU A 644 -15.53 -71.98 -5.00
CA GLU A 644 -14.90 -71.84 -3.69
C GLU A 644 -13.87 -70.71 -3.63
N ALA A 645 -13.24 -70.42 -4.78
CA ALA A 645 -12.19 -69.42 -4.85
C ALA A 645 -12.72 -68.07 -5.33
N ASN A 646 -13.83 -68.08 -6.09
CA ASN A 646 -14.54 -66.85 -6.45
C ASN A 646 -15.12 -66.19 -5.20
N LEU A 647 -15.52 -67.02 -4.26
CA LEU A 647 -16.10 -66.58 -3.00
C LEU A 647 -15.05 -65.92 -2.12
N ARG A 648 -13.96 -66.64 -1.87
CA ARG A 648 -12.84 -66.14 -1.08
C ARG A 648 -12.30 -64.84 -1.71
N GLU A 649 -12.23 -64.84 -3.04
CA GLU A 649 -11.83 -63.69 -3.82
C GLU A 649 -12.60 -62.45 -3.46
N GLU A 650 -13.92 -62.54 -3.53
CA GLU A 650 -14.71 -61.36 -3.28
C GLU A 650 -14.59 -60.86 -1.85
N VAL A 651 -14.57 -61.78 -0.90
CA VAL A 651 -14.49 -61.41 0.51
C VAL A 651 -13.17 -60.67 0.75
N LEU A 652 -12.10 -61.23 0.22
CA LEU A 652 -10.78 -60.62 0.25
C LEU A 652 -10.76 -59.24 -0.44
N LYS A 653 -11.17 -59.19 -1.71
CA LYS A 653 -11.35 -57.90 -2.38
C LYS A 653 -12.09 -56.95 -1.45
N ASN A 654 -13.23 -57.40 -0.91
CA ASN A 654 -14.08 -56.53 -0.09
C ASN A 654 -13.50 -56.16 1.28
N LEU A 655 -12.71 -57.04 1.91
CA LEU A 655 -12.02 -56.64 3.16
C LEU A 655 -10.95 -55.54 2.96
N ALA A 656 -10.29 -55.55 1.81
CA ALA A 656 -9.28 -54.56 1.51
C ALA A 656 -9.99 -53.24 1.21
N THR A 657 -11.06 -53.32 0.42
CA THR A 657 -11.86 -52.11 0.13
C THR A 657 -12.35 -51.47 1.42
N ALA A 658 -12.73 -52.30 2.38
CA ALA A 658 -13.18 -51.85 3.69
C ALA A 658 -12.12 -51.07 4.46
N TYR A 659 -10.86 -51.51 4.39
CA TYR A 659 -9.78 -50.82 5.12
C TYR A 659 -9.60 -49.44 4.51
N ASP A 660 -9.51 -49.40 3.19
CA ASP A 660 -9.46 -48.14 2.47
C ASP A 660 -10.57 -47.22 2.93
N ASN A 661 -11.78 -47.76 3.04
CA ASN A 661 -12.90 -46.91 3.40
C ASN A 661 -12.88 -46.44 4.84
N PHE A 662 -12.51 -47.31 5.76
CA PHE A 662 -12.34 -46.93 7.15
C PHE A 662 -11.37 -45.75 7.28
N VAL A 663 -10.26 -45.80 6.54
CA VAL A 663 -9.21 -44.77 6.59
C VAL A 663 -9.72 -43.44 6.01
N GLU A 664 -10.38 -43.52 4.85
CA GLU A 664 -10.96 -42.36 4.17
C GLU A 664 -12.01 -41.68 5.07
N LEU A 665 -12.89 -42.50 5.64
CA LEU A 665 -14.01 -42.07 6.47
C LEU A 665 -13.56 -41.42 7.78
N VAL A 666 -12.54 -41.97 8.41
CA VAL A 666 -11.99 -41.38 9.61
C VAL A 666 -11.43 -40.00 9.28
N ALA A 667 -10.72 -39.90 8.15
CA ALA A 667 -10.17 -38.62 7.70
C ALA A 667 -11.26 -37.59 7.37
N ASN A 668 -12.29 -38.02 6.65
CA ASN A 668 -13.45 -37.17 6.36
C ASN A 668 -14.19 -36.71 7.60
N LEU A 669 -14.47 -37.64 8.51
CA LEU A 669 -15.18 -37.31 9.72
C LEU A 669 -14.40 -36.33 10.59
N LYS A 670 -13.08 -36.50 10.67
CA LYS A 670 -12.26 -35.57 11.47
C LYS A 670 -12.07 -34.22 10.79
N GLU A 671 -12.30 -34.18 9.47
CA GLU A 671 -12.26 -32.93 8.71
C GLU A 671 -13.56 -32.16 9.01
N GLY A 672 -14.71 -32.81 8.88
CA GLY A 672 -15.99 -32.23 9.29
C GLY A 672 -16.02 -31.69 10.71
N THR A 673 -15.39 -32.42 11.63
CA THR A 673 -15.38 -32.05 13.05
C THR A 673 -14.58 -30.78 13.33
N LYS A 674 -13.38 -30.71 12.76
CA LYS A 674 -12.53 -29.52 12.87
C LYS A 674 -13.23 -28.34 12.19
N PHE A 675 -13.91 -28.59 11.08
CA PHE A 675 -14.63 -27.56 10.37
C PHE A 675 -15.72 -26.95 11.25
N TYR A 676 -16.60 -27.81 11.77
CA TYR A 676 -17.71 -27.34 12.59
C TYR A 676 -17.18 -26.72 13.88
N ASN A 677 -15.96 -27.08 14.25
CA ASN A 677 -15.30 -26.50 15.43
C ASN A 677 -14.69 -25.12 15.17
N GLU A 678 -14.05 -24.94 14.02
CA GLU A 678 -13.53 -23.63 13.64
C GLU A 678 -14.69 -22.66 13.33
N LEU A 679 -15.80 -23.21 12.82
CA LEU A 679 -16.95 -22.40 12.43
C LEU A 679 -17.67 -21.80 13.64
N THR A 680 -17.70 -22.53 14.74
CA THR A 680 -18.19 -21.98 15.99
C THR A 680 -17.39 -20.73 16.38
N GLU A 681 -16.07 -20.80 16.31
CA GLU A 681 -15.21 -19.62 16.50
C GLU A 681 -15.63 -18.44 15.63
N ILE A 682 -15.84 -18.69 14.33
CA ILE A 682 -16.28 -17.66 13.41
C ILE A 682 -17.62 -17.08 13.90
N LEU A 683 -18.56 -17.98 14.19
CA LEU A 683 -19.92 -17.61 14.56
C LEU A 683 -20.11 -16.95 15.93
N VAL A 684 -19.22 -17.25 16.88
CA VAL A 684 -19.29 -16.64 18.21
C VAL A 684 -18.91 -15.17 18.12
N ARG A 685 -17.83 -14.89 17.39
CA ARG A 685 -17.42 -13.51 17.10
C ARG A 685 -18.50 -12.74 16.34
N PHE A 686 -19.26 -13.44 15.49
CA PHE A 686 -20.38 -12.83 14.76
C PHE A 686 -21.56 -12.58 15.69
N GLN A 687 -21.79 -13.49 16.62
CA GLN A 687 -22.86 -13.34 17.59
C GLN A 687 -22.56 -12.16 18.49
N ASN A 688 -21.29 -12.06 18.87
CA ASN A 688 -20.77 -10.96 19.67
C ASN A 688 -20.86 -9.61 18.97
N LYS A 689 -20.60 -9.61 17.66
CA LYS A 689 -20.70 -8.41 16.84
C LYS A 689 -22.16 -7.96 16.72
N CYS A 690 -23.08 -8.90 16.80
CA CYS A 690 -24.50 -8.61 16.74
C CYS A 690 -25.01 -8.00 18.06
N SER A 691 -24.49 -8.47 19.19
CA SER A 691 -24.96 -7.93 20.47
C SER A 691 -24.30 -6.59 20.83
N ASP A 692 -23.06 -6.40 20.41
CA ASP A 692 -22.39 -5.11 20.59
C ASP A 692 -23.13 -4.01 19.85
N ILE A 693 -23.59 -4.32 18.64
CA ILE A 693 -24.28 -3.34 17.78
C ILE A 693 -25.78 -3.17 18.13
N VAL A 694 -26.36 -4.17 18.80
CA VAL A 694 -27.74 -4.05 19.28
C VAL A 694 -27.80 -3.29 20.60
N PHE A 695 -26.64 -3.07 21.22
CA PHE A 695 -26.60 -2.40 22.51
C PHE A 695 -25.85 -1.06 22.49
N ALA A 696 -25.09 -0.82 21.43
CA ALA A 696 -24.50 0.50 21.14
C ALA A 696 -25.62 1.38 20.61
N ARG A 697 -26.53 0.75 19.89
CA ARG A 697 -27.76 1.39 19.41
C ARG A 697 -28.83 1.27 20.50
N ASN B 1 -10.64 -29.89 -0.02
CA ASN B 1 -11.26 -31.24 -0.02
C ASN B 1 -12.80 -31.22 0.10
N LEU B 2 -13.35 -31.88 1.12
CA LEU B 2 -14.80 -32.08 1.24
C LEU B 2 -15.61 -30.91 1.81
N TYR B 3 -15.15 -30.38 2.94
CA TYR B 3 -15.88 -29.34 3.67
C TYR B 3 -15.46 -27.93 3.23
N PRO B 4 -16.42 -26.99 3.21
CA PRO B 4 -16.18 -25.72 2.52
C PRO B 4 -15.10 -24.86 3.15
N ASP B 5 -14.67 -23.89 2.36
CA ASP B 5 -13.53 -23.04 2.62
C ASP B 5 -13.78 -22.02 3.76
N LEU B 6 -12.94 -22.08 4.80
CA LEU B 6 -12.98 -21.08 5.87
C LEU B 6 -11.76 -20.17 5.79
N SER B 7 -12.00 -18.93 5.38
CA SER B 7 -10.94 -17.97 5.10
C SER B 7 -11.26 -16.58 5.67
N GLU B 8 -12.48 -16.13 5.39
CA GLU B 8 -13.03 -14.91 5.97
C GLU B 8 -14.47 -15.16 6.41
#